data_4KN2
#
_entry.id   4KN2
#
_cell.length_a   97.443
_cell.length_b   97.443
_cell.length_c   348.105
_cell.angle_alpha   90.00
_cell.angle_beta   90.00
_cell.angle_gamma   90.00
#
_symmetry.space_group_name_H-M   'I 41 2 2'
#
loop_
_entity.id
_entity.type
_entity.pdbx_description
1 polymer 'Folate receptor beta'
2 non-polymer 'POTASSIUM ION'
3 non-polymer 'CHLORIDE ION'
4 non-polymer 2-acetamido-2-deoxy-beta-D-glucopyranose
5 non-polymer '2-{4-[2-(2-AMINO-4-OXO-4,7-DIHYDRO-3H-PYRROLO[2,3-D]PYRIMIDIN-5-YL)-ETHYL]-BENZOYLAMINO}-PENTANEDIOIC ACID'
6 water water
#
_entity_poly.entity_id   1
_entity_poly.type   'polypeptide(L)'
_entity_poly.pdbx_seq_one_letter_code
;GSRTDLLNVCMDAKHHKTKPGPEDKLHDQCSPWKKNACCTASTSQELHKDTSRLYNFNWDHCGKMEPACKRHFIQDTCLY
ECSPNLGPWIQQVNQSWRKERFLDVPLCKEDCQRWWEDCHTSHTCKSNWHRGWDWTSGVNKCPAGALCRTFESYFPTPAA
LCEGLWSHSYKVSNYSRGSGRCIQMWFDSAQGNPNEEVARFYAAAMH
;
_entity_poly.pdbx_strand_id   A,B,C
#
loop_
_chem_comp.id
_chem_comp.type
_chem_comp.name
_chem_comp.formula
CL non-polymer 'CHLORIDE ION' 'Cl -1'
K non-polymer 'POTASSIUM ION' 'K 1'
LYA non-polymer '2-{4-[2-(2-AMINO-4-OXO-4,7-DIHYDRO-3H-PYRROLO[2,3-D]PYRIMIDIN-5-YL)-ETHYL]-BENZOYLAMINO}-PENTANEDIOIC ACID' 'C20 H21 N5 O6'
NAG D-saccharide, beta linking 2-acetamido-2-deoxy-beta-D-glucopyranose 'C8 H15 N O6'
#
# COMPACT_ATOMS: atom_id res chain seq x y z
N THR A 4 17.69 14.29 -8.67
CA THR A 4 16.73 15.27 -8.14
C THR A 4 16.31 16.27 -9.21
N ASP A 5 17.23 16.57 -10.13
CA ASP A 5 16.97 17.44 -11.26
C ASP A 5 16.21 16.68 -12.34
N LEU A 6 15.89 15.42 -12.03
CA LEU A 6 15.15 14.55 -12.92
C LEU A 6 13.68 14.45 -12.52
N LEU A 7 13.34 15.03 -11.37
CA LEU A 7 11.98 14.95 -10.85
C LEU A 7 11.16 16.18 -11.24
N ASN A 8 9.88 15.97 -11.51
CA ASN A 8 8.96 17.04 -11.87
C ASN A 8 9.41 17.95 -13.02
N VAL A 9 9.73 17.33 -14.16
CA VAL A 9 10.17 18.07 -15.33
C VAL A 9 9.37 17.71 -16.57
N CYS A 10 9.37 18.62 -17.55
CA CYS A 10 8.69 18.40 -18.82
C CYS A 10 9.75 18.30 -19.89
N MET A 11 9.70 17.26 -20.70
CA MET A 11 10.71 17.13 -21.73
C MET A 11 10.50 18.21 -22.78
N ASP A 12 11.57 18.53 -23.47
CA ASP A 12 11.51 19.56 -24.50
C ASP A 12 11.04 18.94 -25.81
N ALA A 13 9.72 18.97 -26.02
CA ALA A 13 9.07 18.41 -27.20
C ALA A 13 7.96 19.34 -27.70
N LYS A 14 7.43 19.02 -28.89
CA LYS A 14 6.46 19.87 -29.60
C LYS A 14 5.46 20.68 -28.75
N HIS A 15 4.59 20.00 -28.00
CA HIS A 15 3.49 20.67 -27.32
C HIS A 15 3.68 20.83 -25.82
N HIS A 16 4.78 20.29 -25.31
CA HIS A 16 5.03 20.28 -23.86
C HIS A 16 5.20 21.67 -23.30
N LYS A 17 4.67 21.87 -22.10
CA LYS A 17 4.93 23.09 -21.34
C LYS A 17 6.39 23.05 -20.87
N THR A 18 6.88 24.20 -20.42
CA THR A 18 8.24 24.33 -19.93
C THR A 18 8.41 23.63 -18.60
N LYS A 19 7.40 23.77 -17.75
CA LYS A 19 7.44 23.28 -16.39
C LYS A 19 6.07 22.68 -16.07
N PRO A 20 6.03 21.61 -15.27
CA PRO A 20 4.72 21.04 -14.91
C PRO A 20 3.93 21.98 -14.00
N GLY A 21 2.60 21.82 -14.01
CA GLY A 21 1.73 22.57 -13.11
C GLY A 21 0.31 22.06 -13.22
N PRO A 22 -0.56 22.49 -12.30
CA PRO A 22 -1.96 22.06 -12.29
C PRO A 22 -2.68 22.44 -13.58
N GLU A 23 -3.63 21.60 -13.99
CA GLU A 23 -4.44 21.88 -15.16
C GLU A 23 -5.85 21.33 -14.89
N ASP A 24 -6.65 22.14 -14.22
CA ASP A 24 -7.98 21.74 -13.77
C ASP A 24 -8.85 21.25 -14.90
N LYS A 25 -8.51 21.64 -16.13
CA LYS A 25 -9.42 21.44 -17.24
C LYS A 25 -9.00 20.34 -18.22
N LEU A 26 -7.98 19.56 -17.85
CA LEU A 26 -7.58 18.39 -18.63
C LEU A 26 -8.78 17.52 -18.98
N HIS A 27 -8.88 17.17 -20.26
CA HIS A 27 -10.05 16.51 -20.79
C HIS A 27 -10.03 14.99 -20.62
N ASP A 28 -11.18 14.47 -20.21
CA ASP A 28 -11.47 13.04 -20.20
C ASP A 28 -10.32 12.14 -19.69
N GLN A 29 -9.74 11.35 -20.60
CA GLN A 29 -8.76 10.37 -20.20
C GLN A 29 -7.51 10.98 -19.58
N CYS A 30 -7.24 12.26 -19.82
CA CYS A 30 -6.06 12.88 -19.25
C CYS A 30 -6.30 13.46 -17.86
N SER A 31 -7.56 13.48 -17.40
CA SER A 31 -7.90 14.17 -16.15
C SER A 31 -7.14 13.70 -14.92
N PRO A 32 -6.72 12.41 -14.88
CA PRO A 32 -5.91 11.93 -13.75
C PRO A 32 -4.57 12.67 -13.57
N TRP A 33 -4.16 13.43 -14.58
CA TRP A 33 -2.97 14.26 -14.49
C TRP A 33 -3.25 15.70 -14.04
N LYS A 34 -4.52 16.02 -13.74
CA LYS A 34 -4.93 17.41 -13.53
C LYS A 34 -4.20 18.18 -12.43
N LYS A 35 -3.73 17.51 -11.39
CA LYS A 35 -3.09 18.24 -10.31
C LYS A 35 -1.66 18.67 -10.68
N ASN A 36 -1.07 17.96 -11.64
CA ASN A 36 0.30 18.25 -12.05
C ASN A 36 0.63 17.70 -13.45
N ALA A 37 0.54 18.55 -14.47
CA ALA A 37 0.64 18.10 -15.85
C ALA A 37 1.67 18.87 -16.69
N CYS A 38 2.13 18.25 -17.78
CA CYS A 38 3.02 18.87 -18.76
C CYS A 38 2.26 19.26 -20.02
N CYS A 39 0.99 18.88 -20.07
CA CYS A 39 0.12 19.26 -21.18
C CYS A 39 -0.91 20.32 -20.75
N THR A 40 -1.38 21.09 -21.73
CA THR A 40 -2.42 22.08 -21.52
C THR A 40 -3.79 21.46 -21.74
N ALA A 41 -4.84 22.13 -21.28
CA ALA A 41 -6.20 21.65 -21.50
C ALA A 41 -6.41 21.40 -22.99
N SER A 42 -6.04 22.40 -23.78
CA SER A 42 -6.18 22.32 -25.23
C SER A 42 -5.52 21.07 -25.83
N THR A 43 -4.26 20.82 -25.47
CA THR A 43 -3.57 19.62 -25.92
C THR A 43 -4.35 18.36 -25.53
N SER A 44 -4.85 18.34 -24.29
CA SER A 44 -5.57 17.17 -23.80
C SER A 44 -6.89 16.91 -24.55
N GLN A 45 -7.58 17.96 -24.95
CA GLN A 45 -8.84 17.81 -25.70
C GLN A 45 -8.57 17.35 -27.13
N GLU A 46 -7.58 17.97 -27.77
CA GLU A 46 -7.24 17.65 -29.15
C GLU A 46 -6.77 16.21 -29.30
N LEU A 47 -6.00 15.72 -28.34
CA LEU A 47 -5.46 14.37 -28.45
C LEU A 47 -6.52 13.28 -28.36
N HIS A 48 -7.76 13.66 -28.03
CA HIS A 48 -8.83 12.67 -27.95
C HIS A 48 -9.51 12.54 -29.31
N LYS A 49 -9.22 13.47 -30.20
CA LYS A 49 -9.87 13.47 -31.52
C LYS A 49 -9.21 12.52 -32.51
N ASP A 50 -9.98 12.01 -33.47
CA ASP A 50 -9.44 11.16 -34.53
C ASP A 50 -8.65 12.01 -35.49
N THR A 51 -7.43 11.58 -35.83
CA THR A 51 -6.56 12.36 -36.70
C THR A 51 -6.45 13.81 -36.21
N SER A 52 -6.10 13.98 -34.94
CA SER A 52 -6.01 15.32 -34.35
C SER A 52 -4.88 16.16 -34.97
N ARG A 53 -4.95 17.47 -34.75
CA ARG A 53 -3.99 18.43 -35.33
C ARG A 53 -2.65 18.43 -34.62
N LEU A 54 -2.52 17.62 -33.58
CA LEU A 54 -1.26 17.52 -32.87
C LEU A 54 -0.17 16.97 -33.77
N TYR A 55 -0.51 15.91 -34.50
CA TYR A 55 0.47 15.20 -35.33
C TYR A 55 -0.16 14.72 -36.64
N ASN A 56 -1.45 14.99 -36.82
CA ASN A 56 -2.19 14.48 -37.96
C ASN A 56 -2.16 12.95 -38.03
N PHE A 57 -1.98 12.32 -36.88
CA PHE A 57 -1.89 10.87 -36.84
C PHE A 57 -3.26 10.20 -36.85
N ASN A 58 -3.46 9.31 -37.82
CA ASN A 58 -4.71 8.59 -37.96
C ASN A 58 -4.58 7.18 -37.37
N TRP A 59 -5.35 6.89 -36.32
CA TRP A 59 -5.32 5.57 -35.70
C TRP A 59 -5.99 4.55 -36.62
N ASP A 60 -6.89 5.04 -37.48
CA ASP A 60 -7.67 4.14 -38.33
C ASP A 60 -7.05 3.96 -39.72
N HIS A 61 -5.72 3.90 -39.79
CA HIS A 61 -5.03 3.69 -41.05
C HIS A 61 -5.34 2.35 -41.72
N CYS A 62 -5.85 1.38 -40.96
CA CYS A 62 -6.28 0.10 -41.53
C CYS A 62 -7.73 -0.22 -41.17
N GLY A 63 -8.63 0.73 -41.42
CA GLY A 63 -10.01 0.60 -41.02
C GLY A 63 -10.20 1.13 -39.61
N LYS A 64 -11.42 1.08 -39.09
CA LYS A 64 -11.68 1.67 -37.78
C LYS A 64 -11.09 0.80 -36.71
N MET A 65 -10.29 1.42 -35.84
CA MET A 65 -9.71 0.74 -34.69
C MET A 65 -10.76 0.64 -33.58
N GLU A 66 -10.90 -0.55 -32.99
CA GLU A 66 -11.85 -0.78 -31.89
C GLU A 66 -11.58 0.17 -30.73
N PRO A 67 -12.66 0.68 -30.11
CA PRO A 67 -12.55 1.57 -28.95
C PRO A 67 -11.73 0.95 -27.84
N ALA A 68 -11.95 -0.32 -27.54
CA ALA A 68 -11.19 -0.95 -26.46
C ALA A 68 -9.70 -0.84 -26.73
N CYS A 69 -9.34 -0.81 -28.01
CA CYS A 69 -7.96 -0.65 -28.41
C CYS A 69 -7.54 0.81 -28.42
N LYS A 70 -8.37 1.64 -29.01
CA LYS A 70 -8.04 3.06 -29.15
C LYS A 70 -7.83 3.79 -27.82
N ARG A 71 -8.57 3.41 -26.78
CA ARG A 71 -8.41 4.04 -25.49
C ARG A 71 -6.97 3.96 -24.97
N HIS A 72 -6.29 2.85 -25.26
CA HIS A 72 -4.89 2.69 -24.88
C HIS A 72 -3.97 3.65 -25.64
N PHE A 73 -4.24 3.85 -26.91
CA PHE A 73 -3.46 4.81 -27.68
C PHE A 73 -3.70 6.23 -27.21
N ILE A 74 -4.92 6.49 -26.75
CA ILE A 74 -5.24 7.80 -26.19
C ILE A 74 -4.53 7.96 -24.85
N GLN A 75 -4.59 6.91 -24.04
CA GLN A 75 -3.94 6.88 -22.73
C GLN A 75 -2.44 7.11 -22.84
N ASP A 76 -1.82 6.37 -23.75
CA ASP A 76 -0.40 6.53 -24.02
C ASP A 76 -0.08 8.00 -24.40
N THR A 77 -0.93 8.62 -25.20
CA THR A 77 -0.69 10.00 -25.61
C THR A 77 -0.92 10.96 -24.43
N CYS A 78 -1.85 10.64 -23.54
CA CYS A 78 -1.99 11.38 -22.29
C CYS A 78 -0.68 11.34 -21.49
N LEU A 79 -0.17 10.13 -21.28
CA LEU A 79 1.10 9.93 -20.60
C LEU A 79 2.23 10.69 -21.28
N TYR A 80 2.36 10.49 -22.59
CA TYR A 80 3.40 11.14 -23.40
C TYR A 80 3.35 12.68 -23.32
N GLU A 81 2.17 13.27 -23.48
CA GLU A 81 2.02 14.72 -23.44
C GLU A 81 2.02 15.33 -22.02
N CYS A 82 1.53 14.59 -21.04
CA CYS A 82 1.21 15.16 -19.72
C CYS A 82 2.17 14.83 -18.59
N SER A 83 2.78 13.65 -18.63
CA SER A 83 3.56 13.15 -17.52
C SER A 83 4.74 14.01 -17.12
N PRO A 84 4.77 14.45 -15.86
CA PRO A 84 5.91 15.19 -15.32
C PRO A 84 6.86 14.22 -14.61
N ASN A 85 6.63 12.92 -14.79
CA ASN A 85 7.37 11.92 -14.02
C ASN A 85 8.29 10.98 -14.84
N LEU A 86 8.74 11.42 -16.01
CA LEU A 86 9.56 10.60 -16.88
C LEU A 86 11.01 11.09 -17.03
N GLY A 87 11.35 12.16 -16.33
CA GLY A 87 12.67 12.75 -16.38
C GLY A 87 13.84 11.79 -16.45
N PRO A 88 13.86 10.77 -15.59
CA PRO A 88 14.92 9.76 -15.61
C PRO A 88 15.14 9.05 -16.96
N TRP A 89 14.19 9.14 -17.88
CA TRP A 89 14.27 8.40 -19.14
C TRP A 89 14.31 9.35 -20.34
N ILE A 90 14.36 10.64 -20.05
CA ILE A 90 14.47 11.65 -21.08
C ILE A 90 15.89 11.63 -21.66
N GLN A 91 15.97 11.58 -22.98
CA GLN A 91 17.23 11.61 -23.70
C GLN A 91 17.18 12.73 -24.73
N GLN A 92 18.33 13.29 -25.09
CA GLN A 92 18.37 14.31 -26.12
C GLN A 92 18.36 13.61 -27.47
N VAL A 93 17.48 14.03 -28.38
CA VAL A 93 17.41 13.39 -29.69
C VAL A 93 17.49 14.31 -30.92
N ASN A 94 17.55 15.62 -30.70
CA ASN A 94 17.78 16.54 -31.82
C ASN A 94 16.99 16.18 -33.09
N GLN A 95 15.69 15.92 -32.95
CA GLN A 95 14.82 15.73 -34.09
C GLN A 95 14.14 17.06 -34.37
N SER A 96 13.47 17.17 -35.52
CA SER A 96 12.85 18.41 -35.94
C SER A 96 11.66 18.84 -35.07
N TRP A 97 10.88 17.86 -34.58
CA TRP A 97 9.68 18.18 -33.81
C TRP A 97 9.83 17.89 -32.32
N ARG A 98 11.06 17.64 -31.89
CA ARG A 98 11.36 17.46 -30.47
C ARG A 98 12.85 17.32 -30.22
N LYS A 99 13.36 18.10 -29.29
CA LYS A 99 14.78 18.03 -28.91
C LYS A 99 15.00 16.88 -27.95
N GLU A 100 13.93 16.45 -27.29
CA GLU A 100 14.02 15.36 -26.33
C GLU A 100 12.87 14.40 -26.50
N ARG A 101 13.11 13.15 -26.10
CA ARG A 101 12.05 12.17 -25.95
C ARG A 101 12.40 11.31 -24.74
N PHE A 102 11.52 10.39 -24.37
CA PHE A 102 11.88 9.45 -23.32
C PHE A 102 12.06 8.05 -23.91
N LEU A 103 12.86 7.24 -23.22
CA LEU A 103 13.37 6.01 -23.79
C LEU A 103 13.53 4.99 -22.67
N ASP A 104 12.98 3.80 -22.87
CA ASP A 104 13.08 2.70 -21.90
C ASP A 104 12.41 3.02 -20.55
N VAL A 105 11.30 3.74 -20.62
CA VAL A 105 10.46 3.91 -19.44
C VAL A 105 9.96 2.54 -19.03
N PRO A 106 10.18 2.18 -17.75
CA PRO A 106 9.80 0.84 -17.30
C PRO A 106 8.28 0.75 -17.14
N LEU A 107 7.61 0.43 -18.25
CA LEU A 107 6.17 0.25 -18.28
C LEU A 107 5.73 -1.02 -17.57
N CYS A 108 4.74 -0.90 -16.70
CA CYS A 108 4.20 -2.04 -15.94
C CYS A 108 3.73 -3.16 -16.86
N LYS A 109 4.23 -4.37 -16.59
CA LYS A 109 3.89 -5.57 -17.37
C LYS A 109 2.40 -5.62 -17.76
N GLU A 110 1.52 -5.52 -16.77
CA GLU A 110 0.10 -5.65 -17.04
C GLU A 110 -0.49 -4.56 -17.94
N ASP A 111 0.04 -3.34 -17.84
CA ASP A 111 -0.44 -2.30 -18.73
C ASP A 111 -0.13 -2.68 -20.18
N CYS A 112 1.04 -3.26 -20.36
CA CYS A 112 1.48 -3.71 -21.65
C CYS A 112 0.62 -4.88 -22.13
N GLN A 113 0.42 -5.86 -21.25
CA GLN A 113 -0.38 -7.02 -21.57
C GLN A 113 -1.80 -6.62 -21.98
N ARG A 114 -2.36 -5.66 -21.27
CA ARG A 114 -3.76 -5.28 -21.45
C ARG A 114 -3.92 -4.54 -22.77
N TRP A 115 -2.96 -3.65 -23.01
CA TRP A 115 -2.88 -2.90 -24.25
C TRP A 115 -2.88 -3.87 -25.42
N TRP A 116 -1.98 -4.85 -25.37
CA TRP A 116 -1.87 -5.85 -26.40
C TRP A 116 -3.15 -6.69 -26.56
N GLU A 117 -3.70 -7.17 -25.46
CA GLU A 117 -4.90 -7.99 -25.54
C GLU A 117 -6.06 -7.19 -26.14
N ASP A 118 -6.21 -5.94 -25.73
CA ASP A 118 -7.31 -5.13 -26.20
C ASP A 118 -7.19 -4.76 -27.68
N CYS A 119 -5.97 -4.82 -28.21
CA CYS A 119 -5.72 -4.39 -29.58
C CYS A 119 -5.56 -5.54 -30.57
N HIS A 120 -5.41 -6.75 -30.06
CA HIS A 120 -4.93 -7.85 -30.88
C HIS A 120 -5.90 -8.22 -32.03
N THR A 121 -7.16 -7.82 -31.91
CA THR A 121 -8.14 -7.97 -33.00
C THR A 121 -8.10 -6.83 -34.03
N SER A 122 -7.71 -5.63 -33.61
CA SER A 122 -7.58 -4.50 -34.53
C SER A 122 -6.46 -4.71 -35.57
N HIS A 123 -6.30 -3.74 -36.47
CA HIS A 123 -5.36 -3.86 -37.60
C HIS A 123 -4.38 -2.71 -37.73
N THR A 124 -3.21 -3.01 -38.28
CA THR A 124 -2.23 -1.98 -38.61
C THR A 124 -1.40 -2.48 -39.80
N CYS A 125 -0.51 -1.63 -40.31
CA CYS A 125 0.32 -2.05 -41.45
C CYS A 125 1.81 -1.94 -41.19
N LYS A 126 2.17 -1.62 -39.95
CA LYS A 126 3.56 -1.31 -39.59
C LYS A 126 3.84 -1.69 -38.15
N SER A 127 5.08 -2.10 -37.87
CA SER A 127 5.50 -2.45 -36.52
C SER A 127 6.20 -1.31 -35.81
N ASN A 128 6.45 -0.23 -36.53
CA ASN A 128 7.02 0.98 -35.97
C ASN A 128 6.20 2.17 -36.50
N TRP A 129 5.62 2.95 -35.59
CA TRP A 129 4.68 3.97 -35.99
C TRP A 129 5.30 5.35 -36.06
N HIS A 130 6.59 5.42 -35.73
CA HIS A 130 7.32 6.68 -35.77
C HIS A 130 7.87 7.01 -37.18
N ARG A 131 8.40 6.01 -37.87
CA ARG A 131 9.08 6.26 -39.15
C ARG A 131 8.46 5.48 -40.29
N GLY A 132 8.33 6.14 -41.44
CA GLY A 132 8.03 5.45 -42.68
C GLY A 132 6.63 5.61 -43.26
N TRP A 133 5.77 6.37 -42.59
CA TRP A 133 4.43 6.59 -43.14
C TRP A 133 4.47 7.37 -44.45
N ASP A 134 3.45 7.15 -45.29
CA ASP A 134 3.21 8.02 -46.42
C ASP A 134 2.39 9.23 -45.94
N TRP A 135 3.02 10.40 -45.96
CA TRP A 135 2.41 11.62 -45.43
C TRP A 135 1.98 12.56 -46.55
N THR A 136 2.06 12.10 -47.79
CA THR A 136 1.83 12.98 -48.94
C THR A 136 0.42 13.61 -48.96
N SER A 137 -0.53 12.95 -48.31
CA SER A 137 -1.90 13.46 -48.25
C SER A 137 -2.09 14.39 -47.06
N GLY A 138 -1.09 14.44 -46.18
CA GLY A 138 -1.14 15.31 -45.02
C GLY A 138 -1.47 14.50 -43.78
N VAL A 139 -1.93 13.28 -44.01
CA VAL A 139 -2.21 12.34 -42.93
C VAL A 139 -1.45 11.04 -43.19
N ASN A 140 -1.08 10.32 -42.14
CA ASN A 140 -0.32 9.08 -42.33
C ASN A 140 -1.13 8.01 -43.05
N LYS A 141 -0.60 7.53 -44.17
CA LYS A 141 -1.19 6.40 -44.85
C LYS A 141 -0.19 5.28 -44.97
N CYS A 142 -0.68 4.05 -45.07
CA CYS A 142 0.18 2.88 -45.26
C CYS A 142 1.05 3.03 -46.50
N PRO A 143 2.38 2.93 -46.32
CA PRO A 143 3.36 3.13 -47.41
C PRO A 143 3.54 1.86 -48.25
N ALA A 144 4.35 1.94 -49.31
CA ALA A 144 4.57 0.77 -50.17
C ALA A 144 5.17 -0.39 -49.39
N GLY A 145 4.65 -1.59 -49.65
CA GLY A 145 5.17 -2.82 -49.05
C GLY A 145 4.51 -3.14 -47.71
N ALA A 146 3.65 -2.25 -47.25
CA ALA A 146 2.97 -2.41 -45.96
C ALA A 146 1.52 -2.84 -46.14
N LEU A 147 1.24 -4.11 -45.91
CA LEU A 147 -0.13 -4.62 -45.93
C LEU A 147 -0.78 -4.48 -44.57
N CYS A 148 -2.09 -4.24 -44.58
CA CYS A 148 -2.87 -4.30 -43.34
C CYS A 148 -2.96 -5.73 -42.85
N ARG A 149 -2.72 -5.91 -41.57
CA ARG A 149 -2.82 -7.21 -40.91
C ARG A 149 -3.35 -6.98 -39.51
N THR A 150 -3.66 -8.06 -38.82
CA THR A 150 -3.99 -7.99 -37.41
C THR A 150 -2.79 -7.51 -36.59
N PHE A 151 -3.06 -6.82 -35.49
CA PHE A 151 -2.02 -6.34 -34.58
C PHE A 151 -1.07 -7.45 -34.19
N GLU A 152 -1.62 -8.65 -34.07
CA GLU A 152 -0.84 -9.80 -33.66
C GLU A 152 0.25 -10.14 -34.67
N SER A 153 0.00 -9.87 -35.95
CA SER A 153 1.00 -10.11 -37.00
C SER A 153 2.23 -9.23 -36.85
N TYR A 154 2.02 -7.94 -36.62
CA TYR A 154 3.12 -6.99 -36.47
C TYR A 154 3.69 -6.99 -35.05
N PHE A 155 2.92 -7.55 -34.12
CA PHE A 155 3.29 -7.51 -32.70
C PHE A 155 2.95 -8.84 -32.05
N PRO A 156 3.79 -9.84 -32.27
CA PRO A 156 3.50 -11.22 -31.85
C PRO A 156 3.39 -11.36 -30.34
N THR A 157 3.95 -10.41 -29.58
CA THR A 157 3.82 -10.45 -28.12
C THR A 157 3.59 -9.04 -27.60
N PRO A 158 3.11 -8.93 -26.35
CA PRO A 158 2.93 -7.59 -25.76
C PRO A 158 4.24 -6.77 -25.75
N ALA A 159 5.36 -7.40 -25.40
CA ALA A 159 6.65 -6.72 -25.44
C ALA A 159 6.92 -6.10 -26.81
N ALA A 160 6.64 -6.84 -27.88
CA ALA A 160 6.83 -6.30 -29.23
C ALA A 160 6.06 -5.00 -29.41
N LEU A 161 4.82 -4.98 -28.93
CA LEU A 161 3.98 -3.79 -29.09
C LEU A 161 4.50 -2.62 -28.26
N CYS A 162 4.66 -2.84 -26.96
CA CYS A 162 4.98 -1.75 -26.05
C CYS A 162 6.37 -1.21 -26.31
N GLU A 163 7.30 -2.10 -26.67
CA GLU A 163 8.67 -1.69 -26.91
C GLU A 163 8.90 -1.14 -28.31
N GLY A 164 8.26 -1.75 -29.31
CA GLY A 164 8.60 -1.46 -30.69
C GLY A 164 7.79 -0.37 -31.36
N LEU A 165 6.49 -0.33 -31.07
CA LEU A 165 5.60 0.61 -31.76
C LEU A 165 6.08 2.08 -31.70
N TRP A 166 6.51 2.55 -30.52
CA TRP A 166 7.07 3.89 -30.41
C TRP A 166 8.59 3.89 -30.21
N SER A 167 9.30 3.01 -30.91
CA SER A 167 10.76 3.10 -30.93
C SER A 167 11.37 3.06 -29.55
N HIS A 168 10.90 2.13 -28.73
CA HIS A 168 11.50 1.88 -27.43
C HIS A 168 11.32 3.03 -26.43
N SER A 169 10.23 3.78 -26.59
CA SER A 169 9.71 4.68 -25.54
C SER A 169 9.61 3.93 -24.23
N TYR A 170 9.15 2.68 -24.31
CA TYR A 170 9.01 1.81 -23.16
C TYR A 170 9.91 0.58 -23.24
N LYS A 171 10.28 0.07 -22.06
CA LYS A 171 10.68 -1.32 -21.92
C LYS A 171 9.61 -1.99 -21.05
N VAL A 172 9.49 -3.29 -21.12
CA VAL A 172 8.49 -3.98 -20.32
C VAL A 172 9.08 -4.25 -18.94
N SER A 173 8.40 -3.81 -17.89
CA SER A 173 8.91 -4.03 -16.55
C SER A 173 8.24 -5.25 -15.90
N ASN A 174 9.02 -6.07 -15.22
CA ASN A 174 8.45 -7.27 -14.62
C ASN A 174 7.77 -6.99 -13.28
N TYR A 175 7.56 -5.71 -12.96
CA TYR A 175 6.88 -5.37 -11.72
C TYR A 175 5.38 -5.17 -11.92
N SER A 176 4.63 -5.31 -10.84
CA SER A 176 3.19 -5.10 -10.88
C SER A 176 2.80 -3.63 -10.69
N ARG A 177 1.54 -3.32 -10.97
CA ARG A 177 1.08 -1.95 -11.09
C ARG A 177 1.25 -1.09 -9.83
N GLY A 178 0.86 -1.62 -8.67
CA GLY A 178 1.01 -0.83 -7.47
C GLY A 178 2.40 -0.85 -6.85
N SER A 179 3.34 -1.55 -7.49
CA SER A 179 4.65 -1.79 -6.90
C SER A 179 5.48 -0.55 -6.55
N GLY A 180 5.29 0.54 -7.29
CA GLY A 180 6.19 1.67 -7.17
C GLY A 180 7.52 1.45 -7.89
N ARG A 181 7.58 0.43 -8.74
CA ARG A 181 8.83 0.11 -9.45
C ARG A 181 8.67 0.14 -10.96
N CYS A 182 7.49 0.53 -11.41
CA CYS A 182 7.18 0.62 -12.83
C CYS A 182 6.18 1.74 -13.07
N ILE A 183 6.26 2.36 -14.23
CA ILE A 183 5.34 3.40 -14.64
C ILE A 183 4.00 2.82 -15.10
N GLN A 184 2.93 3.34 -14.51
CA GLN A 184 1.59 2.97 -14.93
C GLN A 184 1.08 3.94 -15.97
N MET A 185 0.53 3.41 -17.04
CA MET A 185 -0.12 4.20 -18.07
C MET A 185 -1.55 4.52 -17.63
N TRP A 186 -2.16 3.58 -16.90
CA TRP A 186 -3.50 3.76 -16.37
C TRP A 186 -3.49 3.87 -14.85
N PHE A 187 -4.02 4.96 -14.32
CA PHE A 187 -4.09 5.11 -12.88
C PHE A 187 -5.21 6.07 -12.53
N ASP A 188 -5.74 5.95 -11.31
CA ASP A 188 -6.86 6.79 -10.93
C ASP A 188 -6.40 8.00 -10.10
N SER A 189 -5.26 7.87 -9.43
CA SER A 189 -4.64 9.00 -8.74
C SER A 189 -5.45 9.78 -7.67
N ALA A 190 -6.55 9.22 -7.17
CA ALA A 190 -7.30 9.93 -6.14
C ALA A 190 -6.41 10.20 -4.93
N GLN A 191 -5.50 9.28 -4.67
CA GLN A 191 -4.58 9.42 -3.56
C GLN A 191 -3.18 9.82 -4.04
N GLY A 192 -3.15 10.57 -5.13
CA GLY A 192 -1.90 11.06 -5.67
C GLY A 192 -1.51 10.33 -6.94
N ASN A 193 -0.57 10.91 -7.67
CA ASN A 193 -0.07 10.28 -8.88
C ASN A 193 1.00 9.27 -8.49
N PRO A 194 0.69 7.97 -8.66
CA PRO A 194 1.54 6.87 -8.22
C PRO A 194 2.91 6.89 -8.91
N ASN A 195 3.02 7.55 -10.05
CA ASN A 195 4.27 7.54 -10.79
C ASN A 195 5.33 8.50 -10.25
N GLU A 196 4.90 9.46 -9.42
CA GLU A 196 5.85 10.35 -8.77
C GLU A 196 6.85 9.50 -7.99
N GLU A 197 6.35 8.57 -7.21
CA GLU A 197 7.21 7.71 -6.42
C GLU A 197 8.16 6.87 -7.28
N VAL A 198 7.70 6.47 -8.46
CA VAL A 198 8.51 5.65 -9.37
C VAL A 198 9.70 6.44 -9.90
N ALA A 199 9.44 7.67 -10.35
CA ALA A 199 10.50 8.53 -10.83
C ALA A 199 11.49 8.80 -9.71
N ARG A 200 10.96 9.07 -8.52
CA ARG A 200 11.79 9.33 -7.34
C ARG A 200 12.74 8.16 -7.07
N PHE A 201 12.23 6.95 -7.22
CA PHE A 201 13.03 5.76 -6.97
C PHE A 201 14.17 5.58 -7.98
N TYR A 202 13.85 5.65 -9.27
CA TYR A 202 14.85 5.40 -10.29
C TYR A 202 15.87 6.52 -10.39
N ALA A 203 15.45 7.74 -10.09
CA ALA A 203 16.36 8.87 -10.00
C ALA A 203 17.46 8.60 -8.99
N ALA A 204 17.12 7.92 -7.91
CA ALA A 204 18.11 7.61 -6.88
C ALA A 204 19.01 6.44 -7.28
N ALA A 205 18.78 5.82 -8.44
CA ALA A 205 19.73 4.85 -8.96
C ALA A 205 20.50 5.41 -10.17
N THR B 4 -9.60 -2.70 29.45
CA THR B 4 -10.93 -3.11 29.90
C THR B 4 -12.02 -2.20 29.34
N ASP B 5 -11.67 -0.93 29.16
CA ASP B 5 -12.57 0.05 28.54
C ASP B 5 -12.59 -0.15 27.03
N LEU B 6 -11.86 -1.16 26.58
CA LEU B 6 -11.77 -1.49 25.16
C LEU B 6 -12.63 -2.69 24.80
N LEU B 7 -13.24 -3.30 25.83
CA LEU B 7 -14.07 -4.48 25.62
C LEU B 7 -15.53 -4.10 25.50
N ASN B 8 -16.26 -4.82 24.65
CA ASN B 8 -17.70 -4.64 24.47
C ASN B 8 -18.12 -3.19 24.18
N VAL B 9 -17.53 -2.60 23.15
CA VAL B 9 -17.84 -1.22 22.77
C VAL B 9 -18.20 -1.12 21.29
N CYS B 10 -18.92 -0.06 20.94
CA CYS B 10 -19.31 0.19 19.56
C CYS B 10 -18.59 1.44 19.12
N MET B 11 -17.92 1.40 17.98
CA MET B 11 -17.23 2.59 17.56
C MET B 11 -18.24 3.66 17.16
N ASP B 12 -17.79 4.90 17.20
CA ASP B 12 -18.66 6.00 16.87
C ASP B 12 -18.63 6.23 15.36
N ALA B 13 -19.55 5.57 14.66
CA ALA B 13 -19.65 5.64 13.20
C ALA B 13 -21.11 5.72 12.76
N LYS B 14 -21.32 6.05 11.49
CA LYS B 14 -22.65 6.30 10.91
C LYS B 14 -23.85 5.55 11.51
N HIS B 15 -23.87 4.21 11.41
CA HIS B 15 -25.08 3.47 11.78
C HIS B 15 -24.95 2.72 13.11
N HIS B 16 -23.78 2.82 13.72
CA HIS B 16 -23.52 2.04 14.92
C HIS B 16 -24.38 2.49 16.08
N LYS B 17 -24.83 1.53 16.88
CA LYS B 17 -25.46 1.83 18.15
C LYS B 17 -24.43 2.37 19.13
N THR B 18 -24.93 2.99 20.19
CA THR B 18 -24.10 3.58 21.23
C THR B 18 -23.36 2.50 22.02
N LYS B 19 -24.08 1.43 22.33
CA LYS B 19 -23.61 0.35 23.18
C LYS B 19 -24.07 -0.96 22.55
N PRO B 20 -23.26 -2.01 22.70
CA PRO B 20 -23.70 -3.30 22.17
C PRO B 20 -24.86 -3.90 22.97
N GLY B 21 -25.63 -4.77 22.34
CA GLY B 21 -26.73 -5.46 22.97
C GLY B 21 -27.32 -6.52 22.07
N PRO B 22 -28.18 -7.37 22.62
CA PRO B 22 -28.80 -8.45 21.84
C PRO B 22 -29.66 -7.91 20.70
N GLU B 23 -29.69 -8.65 19.59
CA GLU B 23 -30.49 -8.29 18.45
C GLU B 23 -31.03 -9.57 17.82
N ASP B 24 -32.13 -10.07 18.38
CA ASP B 24 -32.70 -11.35 17.98
C ASP B 24 -33.01 -11.40 16.50
N LYS B 25 -33.17 -10.25 15.88
CA LYS B 25 -33.71 -10.22 14.52
C LYS B 25 -32.66 -9.94 13.43
N LEU B 26 -31.38 -9.95 13.80
CA LEU B 26 -30.31 -9.75 12.81
C LEU B 26 -30.50 -10.70 11.62
N HIS B 27 -30.38 -10.14 10.44
CA HIS B 27 -30.70 -10.84 9.21
C HIS B 27 -29.56 -11.71 8.68
N ASP B 28 -29.92 -12.92 8.28
CA ASP B 28 -29.08 -13.83 7.50
C ASP B 28 -27.61 -13.90 7.95
N GLN B 29 -26.70 -13.40 7.13
CA GLN B 29 -25.26 -13.48 7.41
C GLN B 29 -24.83 -12.81 8.71
N CYS B 30 -25.62 -11.87 9.22
CA CYS B 30 -25.25 -11.21 10.46
C CYS B 30 -25.76 -11.95 11.72
N SER B 31 -26.60 -12.97 11.54
CA SER B 31 -27.25 -13.59 12.67
C SER B 31 -26.29 -14.13 13.76
N PRO B 32 -25.06 -14.54 13.38
CA PRO B 32 -24.10 -15.00 14.39
C PRO B 32 -23.75 -13.94 15.46
N TRP B 33 -24.12 -12.68 15.19
CA TRP B 33 -23.89 -11.60 16.14
C TRP B 33 -25.11 -11.32 17.03
N LYS B 34 -26.17 -12.11 16.88
CA LYS B 34 -27.46 -11.80 17.49
C LYS B 34 -27.46 -11.64 19.01
N LYS B 35 -26.57 -12.33 19.70
CA LYS B 35 -26.55 -12.30 21.16
C LYS B 35 -25.91 -11.04 21.68
N ASN B 36 -25.12 -10.37 20.85
CA ASN B 36 -24.44 -9.14 21.25
C ASN B 36 -23.90 -8.36 20.05
N ALA B 37 -24.64 -7.33 19.61
CA ALA B 37 -24.33 -6.65 18.36
C ALA B 37 -24.28 -5.14 18.48
N CYS B 38 -23.58 -4.50 17.53
CA CYS B 38 -23.49 -3.03 17.44
C CYS B 38 -24.39 -2.51 16.32
N CYS B 39 -25.00 -3.44 15.58
CA CYS B 39 -25.92 -3.10 14.49
C CYS B 39 -27.35 -3.42 14.87
N THR B 40 -28.29 -2.75 14.23
CA THR B 40 -29.70 -3.02 14.41
C THR B 40 -30.18 -4.03 13.39
N ALA B 41 -31.38 -4.57 13.60
CA ALA B 41 -31.93 -5.51 12.65
C ALA B 41 -31.99 -4.86 11.27
N SER B 42 -32.52 -3.64 11.24
CA SER B 42 -32.66 -2.87 10.02
C SER B 42 -31.34 -2.70 9.27
N THR B 43 -30.29 -2.26 9.97
CA THR B 43 -28.97 -2.19 9.38
C THR B 43 -28.55 -3.53 8.77
N SER B 44 -28.80 -4.61 9.51
CA SER B 44 -28.37 -5.93 9.08
C SER B 44 -29.10 -6.40 7.81
N GLN B 45 -30.38 -6.03 7.67
CA GLN B 45 -31.14 -6.42 6.49
C GLN B 45 -30.72 -5.61 5.27
N GLU B 46 -30.56 -4.31 5.47
CA GLU B 46 -30.20 -3.40 4.39
C GLU B 46 -28.83 -3.72 3.81
N LEU B 47 -27.87 -4.10 4.66
CA LEU B 47 -26.51 -4.40 4.19
C LEU B 47 -26.43 -5.66 3.31
N HIS B 48 -27.50 -6.45 3.26
CA HIS B 48 -27.50 -7.62 2.40
C HIS B 48 -27.92 -7.26 0.97
N LYS B 49 -28.53 -6.09 0.80
CA LYS B 49 -29.03 -5.65 -0.50
C LYS B 49 -27.93 -5.11 -1.44
N ASP B 50 -28.15 -5.26 -2.74
CA ASP B 50 -27.25 -4.67 -3.73
C ASP B 50 -27.40 -3.15 -3.76
N THR B 51 -26.28 -2.45 -3.72
CA THR B 51 -26.30 -0.99 -3.67
C THR B 51 -27.25 -0.52 -2.58
N SER B 52 -27.05 -1.02 -1.36
CA SER B 52 -27.94 -0.67 -0.25
C SER B 52 -27.83 0.80 0.10
N ARG B 53 -28.85 1.27 0.79
CA ARG B 53 -28.95 2.66 1.15
C ARG B 53 -27.93 3.08 2.23
N LEU B 54 -27.30 2.12 2.91
CA LEU B 54 -26.32 2.45 3.94
C LEU B 54 -25.25 3.40 3.42
N TYR B 55 -24.71 3.10 2.24
CA TYR B 55 -23.59 3.83 1.70
C TYR B 55 -23.74 4.05 0.18
N ASN B 56 -24.83 3.55 -0.38
CA ASN B 56 -25.00 3.52 -1.83
C ASN B 56 -23.87 2.80 -2.56
N PHE B 57 -23.20 1.89 -1.89
CA PHE B 57 -22.06 1.20 -2.47
C PHE B 57 -22.47 0.03 -3.37
N ASN B 58 -22.06 0.09 -4.63
CA ASN B 58 -22.36 -0.96 -5.59
C ASN B 58 -21.20 -1.96 -5.71
N TRP B 59 -21.43 -3.22 -5.33
CA TRP B 59 -20.41 -4.26 -5.42
C TRP B 59 -20.17 -4.62 -6.88
N ASP B 60 -21.17 -4.40 -7.71
CA ASP B 60 -21.10 -4.77 -9.12
C ASP B 60 -20.64 -3.63 -10.02
N HIS B 61 -19.72 -2.81 -9.54
CA HIS B 61 -19.18 -1.70 -10.34
C HIS B 61 -18.43 -2.15 -11.61
N CYS B 62 -18.03 -3.43 -11.67
CA CYS B 62 -17.39 -3.98 -12.87
C CYS B 62 -18.11 -5.23 -13.37
N GLY B 63 -19.43 -5.14 -13.54
CA GLY B 63 -20.23 -6.30 -13.87
C GLY B 63 -20.64 -7.02 -12.59
N LYS B 64 -21.42 -8.10 -12.72
CA LYS B 64 -21.94 -8.76 -11.53
C LYS B 64 -20.83 -9.53 -10.83
N MET B 65 -20.70 -9.28 -9.54
CA MET B 65 -19.73 -9.98 -8.71
C MET B 65 -20.30 -11.34 -8.34
N GLU B 66 -19.50 -12.38 -8.47
CA GLU B 66 -19.90 -13.75 -8.11
C GLU B 66 -20.35 -13.84 -6.66
N PRO B 67 -21.39 -14.64 -6.41
CA PRO B 67 -21.92 -14.82 -5.05
C PRO B 67 -20.87 -15.33 -4.07
N ALA B 68 -20.06 -16.30 -4.51
CA ALA B 68 -19.00 -16.82 -3.65
C ALA B 68 -18.09 -15.69 -3.18
N CYS B 69 -17.97 -14.66 -4.01
CA CYS B 69 -17.15 -13.51 -3.68
C CYS B 69 -17.95 -12.52 -2.82
N LYS B 70 -19.15 -12.22 -3.25
CA LYS B 70 -19.98 -11.22 -2.59
C LYS B 70 -20.30 -11.55 -1.11
N ARG B 71 -20.45 -12.83 -0.79
CA ARG B 71 -20.73 -13.22 0.58
C ARG B 71 -19.65 -12.70 1.53
N HIS B 72 -18.42 -12.62 1.05
CA HIS B 72 -17.34 -12.13 1.89
C HIS B 72 -17.47 -10.63 2.14
N PHE B 73 -17.88 -9.91 1.12
CA PHE B 73 -18.08 -8.48 1.28
C PHE B 73 -19.26 -8.20 2.22
N ILE B 74 -20.27 -9.06 2.15
CA ILE B 74 -21.39 -8.96 3.07
C ILE B 74 -20.96 -9.32 4.51
N GLN B 75 -20.17 -10.37 4.65
CA GLN B 75 -19.63 -10.80 5.93
C GLN B 75 -18.77 -9.71 6.56
N ASP B 76 -17.86 -9.15 5.78
CA ASP B 76 -17.06 -8.02 6.23
C ASP B 76 -17.96 -6.86 6.73
N THR B 77 -19.04 -6.58 6.03
CA THR B 77 -19.92 -5.50 6.43
C THR B 77 -20.70 -5.86 7.70
N CYS B 78 -21.01 -7.15 7.87
CA CYS B 78 -21.58 -7.62 9.13
C CYS B 78 -20.62 -7.34 10.27
N LEU B 79 -19.38 -7.80 10.12
CA LEU B 79 -18.33 -7.52 11.09
C LEU B 79 -18.19 -6.04 11.37
N TYR B 80 -18.07 -5.24 10.31
CA TYR B 80 -17.88 -3.81 10.43
C TYR B 80 -19.03 -3.11 11.18
N GLU B 81 -20.27 -3.45 10.83
CA GLU B 81 -21.44 -2.82 11.46
C GLU B 81 -21.79 -3.40 12.84
N CYS B 82 -21.52 -4.68 13.06
CA CYS B 82 -22.06 -5.40 14.20
C CYS B 82 -21.09 -5.69 15.34
N SER B 83 -19.82 -5.90 15.02
CA SER B 83 -18.85 -6.34 16.01
C SER B 83 -18.65 -5.44 17.23
N PRO B 84 -18.86 -6.01 18.43
CA PRO B 84 -18.60 -5.27 19.67
C PRO B 84 -17.22 -5.62 20.18
N ASN B 85 -16.45 -6.30 19.36
CA ASN B 85 -15.14 -6.82 19.78
C ASN B 85 -13.90 -6.24 19.07
N LEU B 86 -14.00 -5.01 18.58
CA LEU B 86 -12.89 -4.38 17.89
C LEU B 86 -12.29 -3.17 18.62
N GLY B 87 -12.83 -2.86 19.80
CA GLY B 87 -12.35 -1.75 20.61
C GLY B 87 -10.85 -1.47 20.60
N PRO B 88 -10.02 -2.51 20.79
CA PRO B 88 -8.56 -2.35 20.77
C PRO B 88 -7.98 -1.76 19.47
N TRP B 89 -8.75 -1.74 18.39
CA TRP B 89 -8.24 -1.27 17.10
C TRP B 89 -8.98 -0.03 16.62
N ILE B 90 -9.87 0.49 17.46
CA ILE B 90 -10.59 1.72 17.17
C ILE B 90 -9.65 2.91 17.31
N GLN B 91 -9.63 3.75 16.28
CA GLN B 91 -8.86 4.98 16.29
C GLN B 91 -9.77 6.16 15.99
N GLN B 92 -9.42 7.32 16.52
CA GLN B 92 -10.16 8.53 16.24
C GLN B 92 -9.67 9.05 14.89
N VAL B 93 -10.58 9.15 13.93
CA VAL B 93 -10.22 9.53 12.58
C VAL B 93 -10.64 10.97 12.27
N ASN B 94 -11.66 11.45 12.97
CA ASN B 94 -12.21 12.79 12.75
C ASN B 94 -12.79 12.96 11.34
N GLN B 95 -13.41 11.89 10.85
CA GLN B 95 -14.07 11.92 9.55
C GLN B 95 -15.55 12.25 9.73
N SER B 96 -16.18 12.80 8.69
CA SER B 96 -17.59 13.19 8.75
C SER B 96 -18.55 12.02 8.93
N TRP B 97 -18.56 11.06 8.00
CA TRP B 97 -19.48 9.94 8.17
C TRP B 97 -19.05 8.97 9.26
N ARG B 98 -18.02 9.34 10.01
CA ARG B 98 -17.58 8.55 11.16
C ARG B 98 -16.44 9.22 11.92
N LYS B 99 -16.60 9.36 13.23
CA LYS B 99 -15.58 9.95 14.07
C LYS B 99 -14.51 8.91 14.37
N GLU B 100 -14.88 7.64 14.27
CA GLU B 100 -13.95 6.58 14.55
C GLU B 100 -14.00 5.51 13.48
N ARG B 101 -12.91 4.76 13.37
CA ARG B 101 -12.90 3.53 12.57
C ARG B 101 -11.95 2.57 13.25
N PHE B 102 -11.86 1.35 12.75
CA PHE B 102 -10.87 0.44 13.29
C PHE B 102 -9.74 0.22 12.27
N LEU B 103 -8.57 -0.13 12.79
CA LEU B 103 -7.34 -0.09 12.01
C LEU B 103 -6.41 -1.21 12.48
N ASP B 104 -5.90 -2.00 11.54
CA ASP B 104 -4.99 -3.12 11.85
C ASP B 104 -5.61 -4.17 12.77
N VAL B 105 -6.91 -4.41 12.62
CA VAL B 105 -7.54 -5.57 13.23
C VAL B 105 -6.82 -6.83 12.71
N PRO B 106 -6.31 -7.67 13.63
CA PRO B 106 -5.55 -8.86 13.22
C PRO B 106 -6.48 -9.93 12.65
N LEU B 107 -6.79 -9.81 11.37
CA LEU B 107 -7.66 -10.75 10.66
C LEU B 107 -6.98 -12.11 10.42
N CYS B 108 -7.69 -13.18 10.75
CA CYS B 108 -7.16 -14.54 10.60
C CYS B 108 -6.71 -14.80 9.18
N LYS B 109 -5.46 -15.25 9.02
CA LYS B 109 -4.85 -15.61 7.74
C LYS B 109 -5.81 -16.30 6.78
N GLU B 110 -6.39 -17.41 7.23
CA GLU B 110 -7.31 -18.16 6.38
C GLU B 110 -8.56 -17.39 5.91
N ASP B 111 -9.09 -16.50 6.73
CA ASP B 111 -10.26 -15.74 6.31
C ASP B 111 -9.89 -14.84 5.14
N CYS B 112 -8.70 -14.26 5.25
CA CYS B 112 -8.10 -13.47 4.20
C CYS B 112 -7.87 -14.33 2.95
N GLN B 113 -7.29 -15.50 3.15
CA GLN B 113 -6.93 -16.34 2.02
C GLN B 113 -8.19 -16.77 1.26
N ARG B 114 -9.25 -17.03 2.02
CA ARG B 114 -10.47 -17.59 1.46
C ARG B 114 -11.22 -16.50 0.71
N TRP B 115 -11.27 -15.32 1.33
CA TRP B 115 -11.82 -14.13 0.73
C TRP B 115 -11.18 -13.89 -0.65
N TRP B 116 -9.86 -13.89 -0.68
CA TRP B 116 -9.11 -13.67 -1.90
C TRP B 116 -9.36 -14.74 -2.95
N GLU B 117 -9.33 -16.00 -2.53
CA GLU B 117 -9.53 -17.10 -3.46
C GLU B 117 -10.92 -17.05 -4.09
N ASP B 118 -11.92 -16.77 -3.26
CA ASP B 118 -13.29 -16.73 -3.73
C ASP B 118 -13.56 -15.55 -4.66
N CYS B 119 -12.74 -14.52 -4.58
CA CYS B 119 -12.96 -13.30 -5.35
C CYS B 119 -12.07 -13.17 -6.57
N HIS B 120 -11.06 -14.01 -6.65
CA HIS B 120 -9.97 -13.76 -7.60
C HIS B 120 -10.40 -13.83 -9.08
N THR B 121 -11.55 -14.46 -9.34
CA THR B 121 -12.17 -14.43 -10.67
C THR B 121 -13.04 -13.18 -10.94
N SER B 122 -13.62 -12.60 -9.89
CA SER B 122 -14.44 -11.39 -10.04
C SER B 122 -13.62 -10.19 -10.50
N HIS B 123 -14.28 -9.05 -10.71
CA HIS B 123 -13.62 -7.86 -11.22
C HIS B 123 -13.81 -6.60 -10.36
N THR B 124 -12.84 -5.70 -10.45
CA THR B 124 -12.97 -4.38 -9.85
C THR B 124 -12.11 -3.39 -10.65
N CYS B 125 -12.13 -2.12 -10.29
CA CYS B 125 -11.35 -1.12 -11.02
C CYS B 125 -10.41 -0.34 -10.14
N LYS B 126 -10.30 -0.73 -8.86
CA LYS B 126 -9.58 0.06 -7.85
C LYS B 126 -9.04 -0.84 -6.75
N SER B 127 -7.88 -0.48 -6.21
CA SER B 127 -7.26 -1.25 -5.14
C SER B 127 -7.61 -0.69 -3.75
N ASN B 128 -8.23 0.48 -3.73
CA ASN B 128 -8.73 1.06 -2.49
C ASN B 128 -10.17 1.48 -2.71
N TRP B 129 -11.07 0.95 -1.91
CA TRP B 129 -12.49 1.15 -2.15
C TRP B 129 -13.10 2.24 -1.29
N HIS B 130 -12.25 2.88 -0.48
CA HIS B 130 -12.69 3.97 0.38
C HIS B 130 -12.66 5.33 -0.34
N ARG B 131 -11.61 5.58 -1.11
CA ARG B 131 -11.40 6.89 -1.71
C ARG B 131 -11.29 6.86 -3.23
N GLY B 132 -11.96 7.80 -3.89
CA GLY B 132 -11.73 8.02 -5.30
C GLY B 132 -12.82 7.63 -6.27
N TRP B 133 -13.94 7.09 -5.77
CA TRP B 133 -15.04 6.75 -6.66
C TRP B 133 -15.67 7.97 -7.32
N ASP B 134 -16.22 7.78 -8.51
CA ASP B 134 -17.10 8.77 -9.11
C ASP B 134 -18.50 8.61 -8.50
N TRP B 135 -18.93 9.60 -7.72
CA TRP B 135 -20.21 9.51 -7.02
C TRP B 135 -21.29 10.42 -7.64
N THR B 136 -20.97 11.03 -8.78
CA THR B 136 -21.85 12.01 -9.39
C THR B 136 -23.24 11.46 -9.76
N SER B 137 -23.37 10.16 -9.94
CA SER B 137 -24.66 9.57 -10.23
C SER B 137 -25.42 9.20 -8.93
N GLY B 138 -24.73 9.30 -7.80
CA GLY B 138 -25.32 8.94 -6.53
C GLY B 138 -24.85 7.58 -6.06
N VAL B 139 -24.32 6.79 -7.00
CA VAL B 139 -23.75 5.48 -6.71
C VAL B 139 -22.28 5.49 -7.17
N ASN B 140 -21.43 4.71 -6.54
CA ASN B 140 -20.03 4.66 -6.92
C ASN B 140 -19.85 4.07 -8.32
N LYS B 141 -19.20 4.85 -9.17
CA LYS B 141 -18.80 4.36 -10.49
C LYS B 141 -17.30 4.45 -10.64
N CYS B 142 -16.73 3.59 -11.49
CA CYS B 142 -15.30 3.63 -11.80
C CYS B 142 -14.90 5.01 -12.35
N PRO B 143 -13.93 5.64 -11.69
CA PRO B 143 -13.49 7.00 -12.02
C PRO B 143 -12.48 6.98 -13.19
N ALA B 144 -12.02 8.15 -13.61
CA ALA B 144 -11.10 8.27 -14.73
C ALA B 144 -9.79 7.58 -14.38
N GLY B 145 -9.26 6.81 -15.34
CA GLY B 145 -7.99 6.14 -15.20
C GLY B 145 -8.11 4.76 -14.61
N ALA B 146 -9.33 4.39 -14.24
CA ALA B 146 -9.57 3.12 -13.57
C ALA B 146 -10.26 2.12 -14.51
N LEU B 147 -9.50 1.15 -15.00
CA LEU B 147 -10.05 0.10 -15.84
C LEU B 147 -10.53 -1.07 -15.00
N CYS B 148 -11.60 -1.72 -15.43
CA CYS B 148 -11.98 -2.99 -14.83
C CYS B 148 -10.96 -4.07 -15.15
N ARG B 149 -10.58 -4.80 -14.12
CA ARG B 149 -9.63 -5.91 -14.24
C ARG B 149 -10.08 -6.99 -13.27
N THR B 150 -9.47 -8.16 -13.36
CA THR B 150 -9.66 -9.20 -12.36
C THR B 150 -9.16 -8.73 -10.99
N PHE B 151 -9.75 -9.27 -9.93
CA PHE B 151 -9.35 -8.92 -8.57
C PHE B 151 -7.87 -9.14 -8.37
N GLU B 152 -7.34 -10.14 -9.07
CA GLU B 152 -5.94 -10.52 -8.92
C GLU B 152 -5.02 -9.41 -9.41
N SER B 153 -5.46 -8.65 -10.41
CA SER B 153 -4.68 -7.51 -10.91
C SER B 153 -4.50 -6.42 -9.87
N TYR B 154 -5.58 -6.03 -9.21
CA TYR B 154 -5.52 -4.99 -8.17
C TYR B 154 -5.06 -5.54 -6.82
N PHE B 155 -5.13 -6.87 -6.67
CA PHE B 155 -4.80 -7.48 -5.40
C PHE B 155 -3.99 -8.76 -5.63
N PRO B 156 -2.70 -8.60 -5.91
CA PRO B 156 -1.85 -9.74 -6.33
C PRO B 156 -1.74 -10.82 -5.27
N THR B 157 -1.99 -10.47 -4.00
CA THR B 157 -1.97 -11.46 -2.91
C THR B 157 -3.14 -11.22 -1.97
N PRO B 158 -3.45 -12.21 -1.14
CA PRO B 158 -4.51 -12.03 -0.16
C PRO B 158 -4.24 -10.81 0.75
N ALA B 159 -3.00 -10.67 1.21
CA ALA B 159 -2.65 -9.55 2.08
C ALA B 159 -3.00 -8.21 1.41
N ALA B 160 -2.74 -8.11 0.12
CA ALA B 160 -3.08 -6.87 -0.61
C ALA B 160 -4.57 -6.56 -0.50
N LEU B 161 -5.39 -7.58 -0.63
CA LEU B 161 -6.84 -7.40 -0.58
C LEU B 161 -7.29 -7.02 0.82
N CYS B 162 -6.93 -7.84 1.80
CA CYS B 162 -7.45 -7.67 3.15
C CYS B 162 -6.92 -6.39 3.76
N GLU B 163 -5.68 -6.05 3.44
CA GLU B 163 -5.07 -4.89 4.05
C GLU B 163 -5.40 -3.60 3.31
N GLY B 164 -5.48 -3.68 1.99
CA GLY B 164 -5.55 -2.47 1.19
C GLY B 164 -6.94 -2.00 0.87
N LEU B 165 -7.83 -2.94 0.60
CA LEU B 165 -9.14 -2.60 0.05
C LEU B 165 -9.90 -1.60 0.94
N TRP B 166 -9.90 -1.83 2.25
CA TRP B 166 -10.49 -0.87 3.19
C TRP B 166 -9.46 -0.09 3.99
N SER B 167 -8.38 0.35 3.34
CA SER B 167 -7.45 1.28 3.97
C SER B 167 -6.91 0.78 5.30
N HIS B 168 -6.50 -0.49 5.33
CA HIS B 168 -5.84 -1.04 6.50
C HIS B 168 -6.74 -1.18 7.72
N SER B 169 -8.03 -1.39 7.47
CA SER B 169 -8.95 -1.88 8.50
C SER B 169 -8.36 -3.12 9.13
N TYR B 170 -7.77 -3.97 8.28
CA TYR B 170 -7.19 -5.22 8.74
C TYR B 170 -5.68 -5.24 8.53
N LYS B 171 -4.99 -6.02 9.37
CA LYS B 171 -3.69 -6.55 9.00
C LYS B 171 -3.88 -8.06 8.91
N VAL B 172 -3.00 -8.76 8.20
CA VAL B 172 -3.10 -10.22 8.12
C VAL B 172 -2.40 -10.83 9.32
N SER B 173 -3.11 -11.67 10.06
CA SER B 173 -2.55 -12.31 11.24
C SER B 173 -2.08 -13.72 10.90
N ASN B 174 -0.88 -14.09 11.37
CA ASN B 174 -0.32 -15.41 11.07
C ASN B 174 -0.93 -16.51 11.94
N TYR B 175 -1.99 -16.19 12.67
CA TYR B 175 -2.61 -17.20 13.53
C TYR B 175 -3.78 -17.88 12.84
N SER B 176 -4.14 -19.07 13.32
CA SER B 176 -5.25 -19.81 12.75
C SER B 176 -6.58 -19.45 13.43
N ARG B 177 -7.68 -19.85 12.79
CA ARG B 177 -9.01 -19.37 13.13
C ARG B 177 -9.43 -19.62 14.58
N GLY B 178 -9.21 -20.82 15.08
CA GLY B 178 -9.63 -21.11 16.45
C GLY B 178 -8.64 -20.68 17.51
N SER B 179 -7.53 -20.08 17.09
CA SER B 179 -6.43 -19.75 17.99
C SER B 179 -6.76 -18.81 19.17
N GLY B 180 -7.71 -17.89 18.98
CA GLY B 180 -7.98 -16.87 19.98
C GLY B 180 -6.99 -15.74 19.90
N ARG B 181 -6.21 -15.70 18.83
CA ARG B 181 -5.18 -14.66 18.64
C ARG B 181 -5.42 -13.82 17.38
N CYS B 182 -6.54 -14.07 16.72
CA CYS B 182 -6.90 -13.30 15.52
C CYS B 182 -8.40 -13.23 15.43
N ILE B 183 -8.88 -12.15 14.81
CA ILE B 183 -10.29 -11.94 14.59
C ILE B 183 -10.80 -12.75 13.41
N GLN B 184 -11.85 -13.52 13.65
CA GLN B 184 -12.52 -14.24 12.58
C GLN B 184 -13.65 -13.41 11.99
N MET B 185 -13.68 -13.36 10.67
CA MET B 185 -14.77 -12.71 9.96
C MET B 185 -15.96 -13.70 9.84
N TRP B 186 -15.65 -14.99 9.74
CA TRP B 186 -16.66 -16.03 9.68
C TRP B 186 -16.61 -16.91 10.93
N PHE B 187 -17.74 -17.04 11.60
CA PHE B 187 -17.81 -17.90 12.76
C PHE B 187 -19.24 -18.29 13.00
N ASP B 188 -19.46 -19.41 13.69
CA ASP B 188 -20.81 -19.89 13.89
C ASP B 188 -21.33 -19.53 15.28
N SER B 189 -20.41 -19.35 16.22
CA SER B 189 -20.78 -18.81 17.54
C SER B 189 -21.85 -19.57 18.37
N ALA B 190 -22.13 -20.82 18.06
CA ALA B 190 -23.10 -21.56 18.87
C ALA B 190 -22.62 -21.64 20.31
N GLN B 191 -21.30 -21.68 20.49
CA GLN B 191 -20.72 -21.76 21.82
C GLN B 191 -20.12 -20.43 22.25
N GLY B 192 -20.71 -19.34 21.76
CA GLY B 192 -20.24 -18.01 22.07
C GLY B 192 -19.53 -17.36 20.90
N ASN B 193 -19.38 -16.04 20.97
CA ASN B 193 -18.65 -15.32 19.95
C ASN B 193 -17.16 -15.41 20.24
N PRO B 194 -16.41 -16.11 19.37
CA PRO B 194 -14.99 -16.42 19.55
C PRO B 194 -14.12 -15.18 19.60
N ASN B 195 -14.63 -14.09 19.05
CA ASN B 195 -13.84 -12.87 19.02
C ASN B 195 -13.81 -12.09 20.33
N GLU B 196 -14.74 -12.36 21.25
CA GLU B 196 -14.69 -11.76 22.56
C GLU B 196 -13.35 -12.04 23.21
N GLU B 197 -12.94 -13.30 23.19
CA GLU B 197 -11.66 -13.69 23.78
C GLU B 197 -10.47 -13.00 23.10
N VAL B 198 -10.57 -12.80 21.79
CA VAL B 198 -9.50 -12.15 21.05
C VAL B 198 -9.30 -10.70 21.49
N ALA B 199 -10.40 -9.96 21.61
CA ALA B 199 -10.36 -8.58 22.08
C ALA B 199 -9.82 -8.54 23.50
N ARG B 200 -10.28 -9.46 24.34
CA ARG B 200 -9.84 -9.54 25.73
C ARG B 200 -8.32 -9.70 25.80
N PHE B 201 -7.79 -10.56 24.94
CA PHE B 201 -6.35 -10.82 24.92
C PHE B 201 -5.52 -9.59 24.52
N TYR B 202 -5.87 -8.96 23.41
CA TYR B 202 -5.08 -7.84 22.91
C TYR B 202 -5.21 -6.59 23.77
N ALA B 203 -6.38 -6.40 24.37
CA ALA B 203 -6.59 -5.36 25.36
C ALA B 203 -5.55 -5.47 26.48
N ALA B 204 -5.25 -6.70 26.89
CA ALA B 204 -4.30 -6.88 27.97
C ALA B 204 -2.85 -6.66 27.53
N ALA B 205 -2.63 -6.40 26.25
CA ALA B 205 -1.30 -6.00 25.78
C ALA B 205 -1.28 -4.52 25.39
N THR C 4 1.13 14.12 5.37
CA THR C 4 2.32 14.94 5.16
C THR C 4 2.95 15.41 6.48
N ASP C 5 2.08 15.65 7.47
CA ASP C 5 2.51 16.02 8.82
C ASP C 5 3.01 14.78 9.57
N LEU C 6 3.05 13.65 8.87
CA LEU C 6 3.48 12.38 9.44
C LEU C 6 4.86 12.03 8.95
N LEU C 7 5.39 12.83 8.03
CA LEU C 7 6.72 12.59 7.46
C LEU C 7 7.80 13.39 8.20
N ASN C 8 8.97 12.79 8.33
CA ASN C 8 10.11 13.43 8.98
C ASN C 8 9.83 14.01 10.38
N VAL C 9 9.31 13.18 11.26
CA VAL C 9 9.01 13.60 12.62
C VAL C 9 9.66 12.67 13.66
N CYS C 10 9.84 13.18 14.87
CA CYS C 10 10.39 12.39 15.98
C CYS C 10 9.30 12.23 16.99
N MET C 11 9.04 11.01 17.44
CA MET C 11 8.00 10.86 18.44
C MET C 11 8.41 11.46 19.77
N ASP C 12 7.42 11.79 20.58
CA ASP C 12 7.69 12.41 21.86
C ASP C 12 7.96 11.34 22.91
N ALA C 13 9.24 10.97 23.04
CA ALA C 13 9.66 9.91 23.95
C ALA C 13 10.94 10.30 24.68
N LYS C 14 11.30 9.52 25.70
CA LYS C 14 12.43 9.80 26.58
C LYS C 14 13.66 10.54 26.00
N HIS C 15 14.34 9.95 25.03
CA HIS C 15 15.61 10.51 24.56
C HIS C 15 15.53 11.16 23.19
N HIS C 16 14.36 11.11 22.58
CA HIS C 16 14.20 11.62 21.22
C HIS C 16 14.42 13.12 21.15
N LYS C 17 15.04 13.55 20.06
CA LYS C 17 15.12 14.96 19.71
C LYS C 17 13.73 15.45 19.30
N THR C 18 13.56 16.76 19.31
CA THR C 18 12.30 17.39 18.91
C THR C 18 12.02 17.20 17.41
N LYS C 19 13.07 17.35 16.62
CA LYS C 19 12.96 17.32 15.17
C LYS C 19 14.14 16.51 14.64
N PRO C 20 13.94 15.77 13.55
CA PRO C 20 15.09 15.03 12.98
C PRO C 20 16.13 15.98 12.38
N GLY C 21 17.38 15.52 12.30
CA GLY C 21 18.45 16.26 11.65
C GLY C 21 19.69 15.39 11.53
N PRO C 22 20.69 15.87 10.77
CA PRO C 22 21.92 15.10 10.55
C PRO C 22 22.65 14.83 11.87
N GLU C 23 23.32 13.69 11.96
CA GLU C 23 24.14 13.37 13.11
C GLU C 23 25.37 12.61 12.64
N ASP C 24 26.39 13.35 12.22
CA ASP C 24 27.59 12.78 11.62
C ASP C 24 28.26 11.77 12.52
N LYS C 25 27.97 11.85 13.81
CA LYS C 25 28.74 11.08 14.78
C LYS C 25 27.99 9.86 15.36
N LEU C 26 26.84 9.52 14.79
CA LEU C 26 26.12 8.31 15.20
C LEU C 26 27.03 7.08 15.20
N HIS C 27 26.97 6.34 16.30
CA HIS C 27 27.91 5.26 16.56
C HIS C 27 27.52 3.93 15.93
N ASP C 28 28.53 3.30 15.31
CA ASP C 28 28.47 1.93 14.84
C ASP C 28 27.18 1.52 14.10
N GLN C 29 26.38 0.68 14.74
CA GLN C 29 25.16 0.17 14.10
C GLN C 29 24.12 1.25 13.77
N CYS C 30 24.21 2.42 14.40
CA CYS C 30 23.24 3.49 14.08
C CYS C 30 23.70 4.39 12.92
N SER C 31 24.95 4.24 12.49
CA SER C 31 25.47 5.16 11.50
C SER C 31 24.66 5.29 10.20
N PRO C 32 23.94 4.23 9.80
CA PRO C 32 23.09 4.35 8.61
C PRO C 32 22.02 5.45 8.73
N TRP C 33 21.78 5.95 9.93
CA TRP C 33 20.81 7.03 10.14
C TRP C 33 21.47 8.42 10.17
N LYS C 34 22.78 8.47 9.96
CA LYS C 34 23.55 9.70 10.16
C LYS C 34 23.10 10.92 9.37
N LYS C 35 22.52 10.71 8.19
CA LYS C 35 22.10 11.85 7.38
C LYS C 35 20.77 12.47 7.83
N ASN C 36 20.04 11.77 8.69
CA ASN C 36 18.77 12.26 9.21
C ASN C 36 18.25 11.41 10.37
N ALA C 37 18.50 11.86 11.60
CA ALA C 37 18.22 11.03 12.77
C ALA C 37 17.40 11.72 13.84
N CYS C 38 16.76 10.92 14.70
CA CYS C 38 16.00 11.41 15.84
C CYS C 38 16.76 11.20 17.16
N CYS C 39 17.91 10.54 17.04
CA CYS C 39 18.80 10.28 18.18
C CYS C 39 20.07 11.11 18.06
N THR C 40 20.68 11.39 19.22
CA THR C 40 21.94 12.10 19.27
C THR C 40 23.10 11.12 19.22
N ALA C 41 24.31 11.62 18.98
CA ALA C 41 25.48 10.75 18.98
C ALA C 41 25.56 9.99 20.32
N SER C 42 25.42 10.74 21.40
CA SER C 42 25.48 10.17 22.73
C SER C 42 24.49 9.01 22.93
N THR C 43 23.22 9.24 22.57
CA THR C 43 22.24 8.18 22.66
C THR C 43 22.70 6.95 21.88
N SER C 44 23.23 7.19 20.69
CA SER C 44 23.61 6.09 19.79
C SER C 44 24.78 5.27 20.35
N GLN C 45 25.71 5.93 21.04
CA GLN C 45 26.85 5.24 21.66
C GLN C 45 26.40 4.45 22.89
N GLU C 46 25.59 5.08 23.73
CA GLU C 46 25.12 4.44 24.95
C GLU C 46 24.29 3.18 24.67
N LEU C 47 23.47 3.23 23.62
CA LEU C 47 22.59 2.09 23.33
C LEU C 47 23.35 0.86 22.85
N HIS C 48 24.64 0.99 22.58
CA HIS C 48 25.43 -0.16 22.16
C HIS C 48 25.99 -0.91 23.37
N LYS C 49 25.91 -0.27 24.54
CA LYS C 49 26.52 -0.84 25.74
C LYS C 49 25.59 -1.83 26.44
N ASP C 50 26.15 -2.77 27.18
CA ASP C 50 25.37 -3.74 27.92
C ASP C 50 24.76 -3.06 29.13
N THR C 51 23.47 -3.25 29.37
CA THR C 51 22.78 -2.60 30.47
C THR C 51 23.07 -1.11 30.46
N SER C 52 22.83 -0.46 29.33
CA SER C 52 23.10 0.97 29.19
C SER C 52 22.20 1.85 30.07
N ARG C 53 22.64 3.09 30.30
CA ARG C 53 21.93 4.03 31.18
C ARG C 53 20.72 4.68 30.50
N LEU C 54 20.39 4.23 29.30
CA LEU C 54 19.16 4.68 28.65
C LEU C 54 17.93 4.18 29.38
N TYR C 55 17.93 2.89 29.72
CA TYR C 55 16.78 2.23 30.33
C TYR C 55 17.20 1.24 31.42
N ASN C 56 18.51 1.09 31.62
CA ASN C 56 19.04 0.06 32.50
C ASN C 56 18.62 -1.34 32.09
N PHE C 57 18.35 -1.53 30.81
CA PHE C 57 17.87 -2.82 30.35
C PHE C 57 19.02 -3.78 30.10
N ASN C 58 18.96 -4.94 30.73
CA ASN C 58 19.96 -5.97 30.57
C ASN C 58 19.52 -7.04 29.56
N TRP C 59 20.24 -7.16 28.44
CA TRP C 59 19.91 -8.19 27.43
C TRP C 59 20.25 -9.58 27.95
N ASP C 60 21.19 -9.64 28.90
CA ASP C 60 21.68 -10.92 29.41
C ASP C 60 20.96 -11.35 30.70
N HIS C 61 19.66 -11.09 30.78
CA HIS C 61 18.88 -11.51 31.95
C HIS C 61 18.81 -13.03 32.13
N CYS C 62 19.15 -13.79 31.12
CA CYS C 62 19.17 -15.26 31.22
C CYS C 62 20.50 -15.82 30.74
N GLY C 63 21.60 -15.25 31.22
CA GLY C 63 22.92 -15.62 30.75
C GLY C 63 23.32 -14.73 29.58
N LYS C 64 24.51 -14.91 29.05
CA LYS C 64 24.96 -14.03 27.95
C LYS C 64 24.20 -14.35 26.67
N MET C 65 23.62 -13.30 26.08
CA MET C 65 22.95 -13.42 24.79
C MET C 65 23.97 -13.42 23.67
N GLU C 66 23.86 -14.37 22.73
CA GLU C 66 24.76 -14.46 21.58
C GLU C 66 24.81 -13.16 20.80
N PRO C 67 26.01 -12.77 20.34
CA PRO C 67 26.19 -11.55 19.53
C PRO C 67 25.29 -11.54 18.29
N ALA C 68 25.19 -12.67 17.59
CA ALA C 68 24.35 -12.74 16.40
C ALA C 68 22.93 -12.33 16.75
N CYS C 69 22.52 -12.63 17.97
CA CYS C 69 21.20 -12.27 18.44
C CYS C 69 21.16 -10.83 18.93
N LYS C 70 22.13 -10.44 19.76
CA LYS C 70 22.15 -9.11 20.36
C LYS C 70 22.20 -7.98 19.31
N ARG C 71 22.89 -8.19 18.18
CA ARG C 71 22.96 -7.16 17.14
C ARG C 71 21.56 -6.72 16.67
N HIS C 72 20.61 -7.65 16.67
CA HIS C 72 19.24 -7.32 16.29
C HIS C 72 18.56 -6.44 17.34
N PHE C 73 18.82 -6.72 18.60
CA PHE C 73 18.26 -5.89 19.66
C PHE C 73 18.89 -4.50 19.65
N ILE C 74 20.16 -4.43 19.27
CA ILE C 74 20.82 -3.15 19.12
C ILE C 74 20.24 -2.41 17.91
N GLN C 75 20.05 -3.13 16.82
CA GLN C 75 19.49 -2.57 15.59
C GLN C 75 18.10 -2.02 15.82
N ASP C 76 17.25 -2.84 16.44
CA ASP C 76 15.92 -2.41 16.84
C ASP C 76 15.97 -1.11 17.67
N THR C 77 16.93 -1.01 18.59
CA THR C 77 17.03 0.19 19.42
C THR C 77 17.52 1.38 18.60
N CYS C 78 18.38 1.14 17.62
CA CYS C 78 18.77 2.17 16.66
C CYS C 78 17.53 2.72 15.94
N LEU C 79 16.74 1.81 15.36
CA LEU C 79 15.50 2.16 14.70
C LEU C 79 14.56 2.94 15.65
N TYR C 80 14.32 2.36 16.84
CA TYR C 80 13.46 2.98 17.85
C TYR C 80 13.89 4.40 18.23
N GLU C 81 15.17 4.60 18.51
CA GLU C 81 15.68 5.89 18.95
C GLU C 81 15.89 6.89 17.79
N CYS C 82 16.24 6.39 16.61
CA CYS C 82 16.76 7.26 15.55
C CYS C 82 15.80 7.54 14.40
N SER C 83 14.90 6.61 14.13
CA SER C 83 14.08 6.72 12.92
C SER C 83 13.17 7.92 12.85
N PRO C 84 13.33 8.74 11.80
CA PRO C 84 12.42 9.86 11.55
C PRO C 84 11.30 9.45 10.62
N ASN C 85 11.17 8.14 10.36
CA ASN C 85 10.24 7.67 9.35
C ASN C 85 9.09 6.79 9.85
N LEU C 86 8.72 6.95 11.12
CA LEU C 86 7.67 6.12 11.72
C LEU C 86 6.39 6.89 12.09
N GLY C 87 6.36 8.18 11.77
CA GLY C 87 5.21 9.03 12.04
C GLY C 87 3.83 8.42 11.85
N PRO C 88 3.62 7.72 10.72
CA PRO C 88 2.33 7.08 10.46
C PRO C 88 1.89 6.06 11.51
N TRP C 89 2.79 5.64 12.39
CA TRP C 89 2.46 4.58 13.35
C TRP C 89 2.61 5.07 14.78
N ILE C 90 2.89 6.36 14.92
CA ILE C 90 2.99 6.99 16.22
C ILE C 90 1.59 7.17 16.83
N GLN C 91 1.44 6.71 18.07
CA GLN C 91 0.19 6.85 18.80
C GLN C 91 0.48 7.52 20.16
N GLN C 92 -0.49 8.23 20.71
CA GLN C 92 -0.30 8.80 22.05
C GLN C 92 -0.49 7.69 23.08
N VAL C 93 0.35 7.65 24.10
CA VAL C 93 0.21 6.59 25.13
C VAL C 93 0.27 7.04 26.58
N ASN C 94 1.05 8.08 26.87
CA ASN C 94 1.17 8.57 28.24
C ASN C 94 1.58 7.48 29.24
N GLN C 95 2.87 7.14 29.20
CA GLN C 95 3.49 6.29 30.20
C GLN C 95 4.40 7.21 31.01
N SER C 96 5.15 6.66 31.96
CA SER C 96 5.97 7.51 32.80
C SER C 96 7.21 8.03 32.07
N TRP C 97 7.45 7.54 30.86
CA TRP C 97 8.72 7.78 30.17
C TRP C 97 8.55 8.01 28.66
N ARG C 98 7.32 8.24 28.23
CA ARG C 98 7.05 8.58 26.83
C ARG C 98 5.58 8.91 26.63
N LYS C 99 5.32 10.05 25.99
CA LYS C 99 3.96 10.46 25.68
C LYS C 99 3.50 9.75 24.39
N GLU C 100 4.46 9.31 23.60
CA GLU C 100 4.14 8.63 22.35
C GLU C 100 4.98 7.39 22.16
N ARG C 101 4.46 6.46 21.38
CA ARG C 101 5.22 5.34 20.90
C ARG C 101 4.73 5.00 19.51
N PHE C 102 5.37 4.04 18.84
CA PHE C 102 4.83 3.59 17.57
C PHE C 102 4.29 2.18 17.66
N LEU C 103 3.31 1.89 16.81
CA LEU C 103 2.47 0.72 16.95
C LEU C 103 2.15 0.16 15.57
N ASP C 104 2.34 -1.15 15.39
CA ASP C 104 2.03 -1.84 14.13
C ASP C 104 2.83 -1.31 12.93
N VAL C 105 4.07 -0.92 13.17
CA VAL C 105 4.98 -0.59 12.10
C VAL C 105 5.14 -1.84 11.24
N PRO C 106 4.88 -1.72 9.92
CA PRO C 106 4.93 -2.90 9.05
C PRO C 106 6.38 -3.35 8.80
N LEU C 107 6.89 -4.17 9.71
CA LEU C 107 8.25 -4.66 9.64
C LEU C 107 8.41 -5.72 8.55
N CYS C 108 9.44 -5.56 7.72
CA CYS C 108 9.68 -6.52 6.64
C CYS C 108 9.80 -7.96 7.14
N LYS C 109 9.05 -8.87 6.53
CA LYS C 109 9.02 -10.29 6.94
C LYS C 109 10.40 -10.85 7.23
N GLU C 110 11.33 -10.64 6.30
CA GLU C 110 12.67 -11.20 6.42
C GLU C 110 13.46 -10.66 7.63
N ASP C 111 13.28 -9.39 7.93
CA ASP C 111 14.00 -8.82 9.06
C ASP C 111 13.54 -9.53 10.32
N CYS C 112 12.24 -9.82 10.36
CA CYS C 112 11.63 -10.54 11.44
C CYS C 112 12.14 -11.98 11.48
N GLN C 113 12.12 -12.64 10.33
CA GLN C 113 12.59 -14.02 10.25
C GLN C 113 14.05 -14.16 10.70
N ARG C 114 14.87 -13.18 10.31
CA ARG C 114 16.31 -13.23 10.56
C ARG C 114 16.60 -12.99 12.03
N TRP C 115 15.88 -12.02 12.58
CA TRP C 115 15.94 -11.72 14.01
C TRP C 115 15.66 -12.97 14.81
N TRP C 116 14.56 -13.65 14.47
CA TRP C 116 14.13 -14.84 15.16
C TRP C 116 15.12 -16.00 15.00
N GLU C 117 15.61 -16.21 13.79
CA GLU C 117 16.54 -17.29 13.54
C GLU C 117 17.83 -17.08 14.31
N ASP C 118 18.32 -15.84 14.31
CA ASP C 118 19.57 -15.51 14.99
C ASP C 118 19.47 -15.61 16.51
N CYS C 119 18.26 -15.53 17.03
CA CYS C 119 18.05 -15.49 18.48
C CYS C 119 17.56 -16.79 19.06
N HIS C 120 17.13 -17.70 18.21
CA HIS C 120 16.35 -18.83 18.65
C HIS C 120 17.13 -19.79 19.57
N THR C 121 18.46 -19.71 19.54
CA THR C 121 19.31 -20.43 20.50
C THR C 121 19.50 -19.72 21.84
N SER C 122 19.42 -18.39 21.85
CA SER C 122 19.56 -17.61 23.09
C SER C 122 18.40 -17.86 24.05
N HIS C 123 18.44 -17.18 25.20
CA HIS C 123 17.45 -17.41 26.27
C HIS C 123 16.81 -16.14 26.80
N THR C 124 15.58 -16.30 27.28
CA THR C 124 14.86 -15.22 27.95
C THR C 124 13.85 -15.84 28.93
N CYS C 125 13.19 -15.00 29.72
CA CYS C 125 12.25 -15.52 30.70
C CYS C 125 10.84 -14.96 30.54
N LYS C 126 10.63 -14.17 29.48
CA LYS C 126 9.38 -13.43 29.30
C LYS C 126 9.07 -13.23 27.82
N SER C 127 7.78 -13.23 27.48
CA SER C 127 7.37 -13.02 26.08
C SER C 127 7.01 -11.57 25.80
N ASN C 128 6.99 -10.74 26.85
CA ASN C 128 6.80 -9.31 26.68
C ASN C 128 7.85 -8.61 27.54
N TRP C 129 8.67 -7.78 26.91
CA TRP C 129 9.82 -7.21 27.59
C TRP C 129 9.57 -5.80 28.09
N HIS C 130 8.37 -5.29 27.86
CA HIS C 130 7.97 -3.96 28.32
C HIS C 130 7.49 -3.94 29.77
N ARG C 131 6.72 -4.93 30.18
CA ARG C 131 6.10 -4.86 31.48
C ARG C 131 6.34 -6.13 32.29
N GLY C 132 6.58 -5.96 33.59
CA GLY C 132 6.66 -7.09 34.50
C GLY C 132 8.02 -7.47 35.07
N TRP C 133 9.09 -6.81 34.62
CA TRP C 133 10.41 -7.08 35.17
C TRP C 133 10.52 -6.77 36.66
N ASP C 134 11.39 -7.49 37.35
CA ASP C 134 11.77 -7.12 38.71
C ASP C 134 12.88 -6.09 38.60
N TRP C 135 12.58 -4.86 39.01
CA TRP C 135 13.50 -3.73 38.88
C TRP C 135 14.11 -3.33 40.21
N THR C 136 13.86 -4.13 41.25
CA THR C 136 14.27 -3.73 42.59
C THR C 136 15.78 -3.53 42.76
N SER C 137 16.57 -4.16 41.90
CA SER C 137 18.02 -4.02 41.95
C SER C 137 18.49 -2.82 41.12
N GLY C 138 17.58 -2.26 40.32
CA GLY C 138 17.91 -1.12 39.49
C GLY C 138 18.05 -1.55 38.04
N VAL C 139 18.20 -2.86 37.86
CA VAL C 139 18.27 -3.47 36.54
C VAL C 139 17.20 -4.55 36.42
N ASN C 140 16.66 -4.74 35.22
CA ASN C 140 15.63 -5.75 35.03
C ASN C 140 16.14 -7.15 35.36
N LYS C 141 15.45 -7.82 36.28
CA LYS C 141 15.69 -9.23 36.54
C LYS C 141 14.43 -10.04 36.31
N CYS C 142 14.59 -11.32 36.02
CA CYS C 142 13.46 -12.22 35.86
C CYS C 142 12.60 -12.24 37.13
N PRO C 143 11.30 -11.94 36.98
CA PRO C 143 10.36 -11.86 38.10
C PRO C 143 9.82 -13.24 38.51
N ALA C 144 8.99 -13.29 39.54
CA ALA C 144 8.43 -14.55 40.00
C ALA C 144 7.60 -15.22 38.91
N GLY C 145 7.75 -16.54 38.77
CA GLY C 145 6.98 -17.31 37.82
C GLY C 145 7.59 -17.36 36.43
N ALA C 146 8.69 -16.63 36.25
CA ALA C 146 9.37 -16.55 34.95
C ALA C 146 10.66 -17.37 34.92
N LEU C 147 10.62 -18.55 34.29
CA LEU C 147 11.82 -19.36 34.14
C LEU C 147 12.55 -18.96 32.87
N CYS C 148 13.87 -19.10 32.89
CA CYS C 148 14.67 -18.96 31.67
C CYS C 148 14.40 -20.15 30.75
N ARG C 149 14.17 -19.85 29.49
CA ARG C 149 13.97 -20.86 28.47
C ARG C 149 14.61 -20.35 27.18
N THR C 150 14.66 -21.21 26.17
CA THR C 150 15.08 -20.78 24.84
C THR C 150 14.08 -19.78 24.27
N PHE C 151 14.58 -18.89 23.39
CA PHE C 151 13.74 -17.88 22.75
C PHE C 151 12.56 -18.56 22.06
N GLU C 152 12.78 -19.75 21.57
CA GLU C 152 11.76 -20.47 20.82
C GLU C 152 10.57 -20.83 21.71
N SER C 153 10.81 -21.09 23.00
CA SER C 153 9.74 -21.34 23.96
C SER C 153 8.78 -20.16 24.12
N TYR C 154 9.33 -18.96 24.32
CA TYR C 154 8.51 -17.77 24.52
C TYR C 154 8.04 -17.18 23.20
N PHE C 155 8.71 -17.54 22.11
CA PHE C 155 8.41 -17.01 20.79
C PHE C 155 8.43 -18.11 19.74
N PRO C 156 7.36 -18.89 19.69
CA PRO C 156 7.31 -20.09 18.83
C PRO C 156 7.48 -19.77 17.33
N THR C 157 7.18 -18.54 16.93
CA THR C 157 7.36 -18.13 15.54
C THR C 157 7.96 -16.74 15.47
N PRO C 158 8.50 -16.38 14.30
CA PRO C 158 9.04 -15.01 14.16
C PRO C 158 7.99 -13.94 14.46
N ALA C 159 6.76 -14.12 13.96
CA ALA C 159 5.69 -13.17 14.26
C ALA C 159 5.52 -12.96 15.78
N ALA C 160 5.54 -14.05 16.54
CA ALA C 160 5.45 -13.95 17.98
C ALA C 160 6.51 -13.00 18.53
N LEU C 161 7.74 -13.14 18.05
CA LEU C 161 8.85 -12.32 18.55
C LEU C 161 8.70 -10.85 18.17
N CYS C 162 8.55 -10.59 16.88
CA CYS C 162 8.53 -9.23 16.34
C CYS C 162 7.33 -8.46 16.82
N GLU C 163 6.19 -9.15 16.92
CA GLU C 163 4.96 -8.50 17.32
C GLU C 163 4.79 -8.40 18.83
N GLY C 164 5.23 -9.43 19.55
CA GLY C 164 4.92 -9.51 20.96
C GLY C 164 5.93 -8.90 21.90
N LEU C 165 7.21 -9.08 21.59
CA LEU C 165 8.26 -8.70 22.53
C LEU C 165 8.18 -7.22 22.96
N TRP C 166 7.92 -6.33 22.00
CA TRP C 166 7.73 -4.91 22.35
C TRP C 166 6.29 -4.45 22.21
N SER C 167 5.34 -5.26 22.64
CA SER C 167 3.96 -4.83 22.74
C SER C 167 3.42 -4.29 21.42
N HIS C 168 3.66 -5.01 20.34
CA HIS C 168 3.09 -4.66 19.04
C HIS C 168 3.63 -3.35 18.43
N SER C 169 4.84 -2.98 18.81
CA SER C 169 5.62 -1.99 18.04
C SER C 169 5.57 -2.31 16.55
N TYR C 170 5.70 -3.60 16.25
CA TYR C 170 5.68 -4.05 14.87
C TYR C 170 4.49 -4.95 14.58
N LYS C 171 4.06 -4.95 13.33
CA LYS C 171 3.34 -6.10 12.78
C LYS C 171 4.26 -6.71 11.72
N VAL C 172 4.05 -7.97 11.37
CA VAL C 172 4.86 -8.60 10.34
C VAL C 172 4.27 -8.26 8.98
N SER C 173 5.09 -7.68 8.10
CA SER C 173 4.61 -7.34 6.78
C SER C 173 4.98 -8.43 5.77
N ASN C 174 4.05 -8.81 4.91
CA ASN C 174 4.31 -9.84 3.90
C ASN C 174 5.10 -9.32 2.71
N TYR C 175 5.62 -8.10 2.79
CA TYR C 175 6.42 -7.56 1.70
C TYR C 175 7.92 -7.81 1.90
N SER C 176 8.67 -7.78 0.80
CA SER C 176 10.11 -7.99 0.85
C SER C 176 10.87 -6.68 1.11
N ARG C 177 12.15 -6.81 1.45
CA ARG C 177 12.94 -5.71 1.96
C ARG C 177 13.06 -4.48 1.06
N GLY C 178 13.36 -4.71 -0.22
CA GLY C 178 13.47 -3.57 -1.12
C GLY C 178 12.15 -3.03 -1.66
N SER C 179 11.04 -3.66 -1.27
CA SER C 179 9.73 -3.36 -1.84
C SER C 179 9.27 -1.90 -1.74
N GLY C 180 9.64 -1.20 -0.66
CA GLY C 180 9.10 0.13 -0.42
C GLY C 180 7.73 0.06 0.25
N ARG C 181 7.35 -1.14 0.70
CA ARG C 181 6.04 -1.33 1.34
C ARG C 181 6.15 -1.84 2.77
N CYS C 182 7.38 -1.92 3.27
CA CYS C 182 7.60 -2.35 4.64
C CYS C 182 8.84 -1.65 5.18
N ILE C 183 8.88 -1.45 6.49
CA ILE C 183 10.02 -0.85 7.16
C ILE C 183 11.14 -1.85 7.35
N GLN C 184 12.34 -1.47 6.93
CA GLN C 184 13.51 -2.30 7.16
C GLN C 184 14.19 -1.85 8.44
N MET C 185 14.53 -2.82 9.29
CA MET C 185 15.33 -2.57 10.47
C MET C 185 16.81 -2.50 10.08
N TRP C 186 17.21 -3.29 9.10
CA TRP C 186 18.59 -3.29 8.60
C TRP C 186 18.66 -2.71 7.19
N PHE C 187 19.49 -1.70 7.00
CA PHE C 187 19.66 -1.13 5.68
C PHE C 187 20.99 -0.40 5.60
N ASP C 188 21.54 -0.27 4.40
CA ASP C 188 22.86 0.32 4.28
C ASP C 188 22.75 1.80 3.88
N SER C 189 21.66 2.16 3.20
CA SER C 189 21.36 3.58 2.95
C SER C 189 22.40 4.42 2.19
N ALA C 190 23.34 3.79 1.49
CA ALA C 190 24.30 4.58 0.71
C ALA C 190 23.54 5.43 -0.31
N GLN C 191 22.45 4.90 -0.83
CA GLN C 191 21.65 5.62 -1.81
C GLN C 191 20.39 6.22 -1.18
N GLY C 192 20.49 6.59 0.08
CA GLY C 192 19.36 7.17 0.80
C GLY C 192 18.75 6.18 1.77
N ASN C 193 17.96 6.71 2.69
CA ASN C 193 17.28 5.87 3.65
C ASN C 193 16.00 5.34 3.01
N PRO C 194 15.96 4.01 2.77
CA PRO C 194 14.85 3.35 2.06
C PRO C 194 13.50 3.52 2.76
N ASN C 195 13.52 3.82 4.05
CA ASN C 195 12.27 3.88 4.79
C ASN C 195 11.52 5.20 4.62
N GLU C 196 12.20 6.22 4.09
CA GLU C 196 11.54 7.49 3.82
C GLU C 196 10.40 7.23 2.86
N GLU C 197 10.67 6.47 1.81
CA GLU C 197 9.67 6.17 0.80
C GLU C 197 8.51 5.35 1.39
N VAL C 198 8.81 4.48 2.35
CA VAL C 198 7.78 3.65 2.99
C VAL C 198 6.80 4.51 3.78
N ALA C 199 7.34 5.47 4.54
CA ALA C 199 6.51 6.36 5.34
C ALA C 199 5.67 7.22 4.40
N ARG C 200 6.29 7.69 3.35
CA ARG C 200 5.61 8.52 2.35
C ARG C 200 4.42 7.76 1.78
N PHE C 201 4.60 6.47 1.51
CA PHE C 201 3.53 5.69 0.93
C PHE C 201 2.34 5.48 1.87
N TYR C 202 2.61 5.06 3.10
CA TYR C 202 1.53 4.77 4.04
C TYR C 202 0.82 6.02 4.53
N ALA C 203 1.55 7.11 4.66
CA ALA C 203 0.97 8.42 4.93
C ALA C 203 -0.12 8.75 3.91
N ALA C 204 0.10 8.39 2.65
CA ALA C 204 -0.88 8.64 1.62
C ALA C 204 -2.01 7.61 1.66
K K D . 2.62 10.31 -14.70
CL CL E . -13.44 -3.23 -20.13
C1 NAG F . 8.79 -11.79 -13.21
C2 NAG F . 10.06 -12.65 -13.06
C3 NAG F . 9.69 -14.09 -12.68
C4 NAG F . 8.70 -14.16 -11.53
C5 NAG F . 7.52 -13.21 -11.71
C6 NAG F . 6.76 -13.09 -10.40
C7 NAG F . 12.20 -12.24 -14.24
C8 NAG F . 13.00 -12.39 -15.51
N2 NAG F . 10.89 -12.56 -14.26
O3 NAG F . 10.86 -14.75 -12.26
O4 NAG F . 8.25 -15.49 -11.29
O5 NAG F . 8.02 -11.93 -12.04
O6 NAG F . 5.77 -12.07 -10.44
O7 NAG F . 12.78 -11.88 -13.20
C1 LYA G . 4.07 10.48 -34.32
C2 LYA G . 4.19 9.51 -35.31
C3 LYA G . 4.75 9.83 -36.54
C4 LYA G . 5.20 11.12 -36.76
C5 LYA G . 5.10 12.10 -35.78
C6 LYA G . 4.53 11.78 -34.54
C7 LYA G . 3.45 10.06 -33.00
C8 LYA G . 3.41 10.91 -31.77
C9 LYA G . 2.86 10.17 -30.55
C10 LYA G . 1.53 10.05 -30.19
N11 LYA G . 1.48 9.30 -29.07
C12 LYA G . 2.73 8.94 -28.71
C13 LYA G . 3.62 9.46 -29.63
C14 LYA G . 5.08 9.21 -29.46
O15 LYA G . 5.86 9.68 -30.29
N16 LYA G . 5.56 8.43 -28.38
C17 LYA G . 4.62 7.89 -27.45
N18 LYA G . 3.21 8.14 -27.61
N19 LYA G . 5.07 7.10 -26.33
C20 LYA G . 5.80 11.44 -38.11
O21 LYA G . 5.37 12.39 -38.74
N22 LYA G . 6.84 10.57 -38.61
C23 LYA G . 7.51 10.83 -39.88
C24 LYA G . 8.96 11.21 -39.67
C25 LYA G . 9.25 12.07 -38.47
C26 LYA G . 10.59 12.75 -38.39
O27 LYA G . 10.86 13.68 -39.21
O28 LYA G . 11.42 12.42 -37.51
C29 LYA G . 7.40 9.56 -40.68
O30 LYA G . 6.25 9.07 -40.86
O31 LYA G . 8.44 9.02 -41.16
K K H . -17.16 -10.02 16.56
CL CL I . -18.44 -23.33 -0.63
C1 NAG J . 3.22 -18.40 10.32
C2 NAG J . 4.69 -18.22 10.67
C3 NAG J . 5.51 -19.42 10.14
C4 NAG J . 4.90 -20.72 10.66
C5 NAG J . 3.42 -20.77 10.29
C6 NAG J . 2.73 -22.05 10.76
C7 NAG J . 5.79 -16.03 10.90
C8 NAG J . 6.17 -14.77 10.19
N2 NAG J . 5.19 -16.97 10.15
O3 NAG J . 6.85 -19.26 10.55
O4 NAG J . 5.62 -21.89 10.26
O5 NAG J . 2.75 -19.63 10.82
O6 NAG J . 2.27 -21.99 12.10
O7 NAG J . 6.06 -16.16 12.10
C1 LYA K . -17.88 2.93 1.83
C2 LYA K . -16.90 3.13 0.86
C3 LYA K . -16.72 4.39 0.31
C4 LYA K . -17.52 5.45 0.72
C5 LYA K . -18.51 5.23 1.68
C6 LYA K . -18.69 3.98 2.24
C7 LYA K . -18.08 1.54 2.42
C8 LYA K . -18.32 1.31 3.89
C9 LYA K . -18.09 -0.15 4.22
C10 LYA K . -18.90 -1.20 3.81
N11 LYA K . -18.35 -2.33 4.29
C12 LYA K . -17.22 -2.05 4.96
C13 LYA K . -17.03 -0.67 4.94
C14 LYA K . -15.86 -0.07 5.61
O15 LYA K . -15.71 1.13 5.56
N16 LYA K . -14.91 -0.90 6.28
C17 LYA K . -15.11 -2.31 6.30
N18 LYA K . -16.25 -2.90 5.65
N19 LYA K . -14.17 -3.14 6.98
C20 LYA K . -17.35 6.84 0.11
O21 LYA K . -18.31 7.60 0.05
N22 LYA K . -16.06 7.24 -0.38
C23 LYA K . -15.81 8.53 -0.99
C24 LYA K . -15.23 9.43 0.06
C25 LYA K . -15.07 8.82 1.44
C26 LYA K . -14.74 9.71 2.60
O27 LYA K . -15.65 10.38 3.15
O28 LYA K . -13.54 9.78 3.03
C29 LYA K . -14.84 8.37 -2.12
O30 LYA K . -14.87 7.33 -2.86
O31 LYA K . -13.98 9.26 -2.36
K K L . 14.32 4.81 9.18
CL CL M . 25.90 -13.04 9.19
C1 NAG N . 2.99 -13.39 1.08
C2 NAG N . 1.60 -13.88 0.68
C3 NAG N . 1.65 -15.20 -0.08
C4 NAG N . 2.59 -15.06 -1.28
C5 NAG N . 3.96 -14.49 -0.87
C6 NAG N . 4.77 -14.14 -2.12
C7 NAG N . -0.42 -13.42 1.87
C8 NAG N . -1.32 -13.72 3.05
N2 NAG N . 0.75 -14.04 1.84
O3 NAG N . 0.34 -15.54 -0.46
O4 NAG N . 2.71 -16.29 -1.99
O5 NAG N . 3.82 -13.33 -0.07
O6 NAG N . 6.14 -13.83 -1.86
O7 NAG N . -0.76 -12.64 1.00
C1 LYA O . 12.29 -0.80 28.04
C2 LYA O . 11.76 -1.97 28.55
C3 LYA O . 11.15 -1.98 29.81
C4 LYA O . 11.09 -0.80 30.54
C5 LYA O . 11.64 0.37 30.03
C6 LYA O . 12.24 0.38 28.79
C7 LYA O . 12.96 -0.79 26.68
C8 LYA O . 12.71 0.28 25.65
C9 LYA O . 13.19 -0.18 24.29
C10 LYA O . 14.50 -0.51 23.96
N11 LYA O . 14.52 -0.88 22.66
C12 LYA O . 13.28 -0.82 22.16
C13 LYA O . 12.41 -0.38 23.15
C14 LYA O . 10.97 -0.21 22.87
O15 LYA O . 10.23 0.17 23.75
N16 LYA O . 10.44 -0.50 21.58
C17 LYA O . 11.35 -0.96 20.56
N18 LYA O . 12.75 -1.11 20.84
N19 LYA O . 10.87 -1.25 19.24
C20 LYA O . 10.45 -0.76 31.91
O21 LYA O . 10.97 -0.11 32.78
N22 LYA O . 9.22 -1.51 32.18
C23 LYA O . 8.54 -1.47 33.46
C24 LYA O . 7.28 -0.65 33.41
C25 LYA O . 7.38 0.81 33.02
C26 LYA O . 6.13 1.55 32.65
O27 LYA O . 5.96 2.76 33.03
O28 LYA O . 5.24 1.02 31.94
C29 LYA O . 8.24 -2.89 33.86
O30 LYA O . 9.15 -3.77 33.81
O31 LYA O . 7.08 -3.22 34.21
#